data_6EZ6
#
_entry.id   6EZ6
#
_cell.length_a   142.520
_cell.length_b   64.350
_cell.length_c   116.190
_cell.angle_alpha   90.00
_cell.angle_beta   103.01
_cell.angle_gamma   90.00
#
_symmetry.space_group_name_H-M   'C 1 2 1'
#
loop_
_entity.id
_entity.type
_entity.pdbx_description
1 polymer 'Phosphatidylinositol 4,5-bisphosphate 3-kinase catalytic subunit delta isoform'
2 non-polymer 'methyl 2-methoxy-5-[4-[5-[(4-propan-2-ylpiperazin-1-yl)methyl]-1,3-oxazol-2-yl]-2~{H}-indazol-6-yl]pyridine-3-carboxylate'
3 water water
#
_entity_poly.entity_id   1
_entity_poly.type   'polypeptide(L)'
_entity_poly.pdbx_seq_one_letter_code
;MPPGVDCPMEFWTKEESQSVVVDFLLPTGVYLNFPVSRNANLSTIKQVLWHRAQYEPLFHMLSDPEAYVFTCVNQTAEQQ
ELEDEQRRLCDIQPFLPVLRLVAREENLYFQGGDRVKKLINSQISLLIGKGLHEFDSLRDPEVNDFRTKMRQFCEEAAAH
RQQLGWVEWLQYSFPLQLEPSARGWRAGLLRVSNRALLVNVKFEGSEESFTFQVSTKDMPLALMACALRKKATVFRQPLV
EQPEEYALQVNGRHEYLYGNYPLCHFQYICSCLHSGLTPHLTMVHSSSILAMRDEQSNPAPQVQKPRAKPPPIPAKKPSS
VSLWSLEQPFSIELIEGRKVNADERMKLVVQAGLFHGNEMLCKTVSSSEVNVCSEPVWKQRLEFDISVCDLPRMARLCFA
LYAVVEKAKKARSTKKKSKKADCPIAWANLMLFDYKDQLKTGERCLYMWPSVPDEKGELLNPAGTVRGNPNTESAAALVI
YLPEVAPHPVYFPALEKILELGRHGERGRITEEEQLQLREILERRGSGELYEHEKDLVWKMRHEVQEHFPEALARLLLVT
KWNKHEDVAQMLYLLCSWPELPVLSALELLDFSFPDCYVGSFAIKSLRKLTDDELFQYLLQLVQVLKYESYLDCELTKFL
LGRALANRKIGHFLFWHLRSEMHVPSVALRFGLIMEAYCRGSTHHMKVLMKQGEALSKLKALNDFVKVSSQKTTKPQTKE
MMHMCMRQETYMEALSHLQSPLDPSTLLEEVCVEQCTFMDSKMKPLWIMYSSEEAGSAGNVGIIFKNGDDLRQDMLTLQM
IQLMDVLWKQEGLDLRMTPYGCLPTGDRTGLIEVVLHSDTIANIQLNKSNMAATAAFNKDALLNWLKSKNPGEALDRAIE
EFTLSCAGYCVATYVLGIGDRHSDNIMIRESGQLFHIDFGHFLGNFKTKFGINRERVPFILTYDFVHVIQQGKTNNSEKF
ERFRGYCERAYTILRRHGLLFLHLFALMRAAGLPELSCSKDIQYLKDSLALGKTEEEALKHFRVKFNEALRESWKTKVNW
LAHNVSKDNRQ
;
_entity_poly.pdbx_strand_id   A
#
# COMPACT_ATOMS: atom_id res chain seq x y z
N ASP A 114 6.52 35.53 11.71
CA ASP A 114 7.86 35.27 12.23
C ASP A 114 8.76 34.65 11.16
N ARG A 115 10.10 34.72 11.37
CA ARG A 115 11.14 34.15 10.50
C ARG A 115 11.01 32.63 10.39
N VAL A 116 10.58 31.97 11.50
CA VAL A 116 10.43 30.51 11.58
C VAL A 116 9.28 30.03 10.68
N LYS A 117 8.10 30.73 10.71
CA LYS A 117 6.92 30.43 9.90
C LYS A 117 7.27 30.48 8.41
N LYS A 118 8.07 31.49 8.00
CA LYS A 118 8.52 31.67 6.62
C LYS A 118 9.43 30.52 6.25
N LEU A 119 10.35 30.16 7.16
CA LEU A 119 11.30 29.06 6.97
C LEU A 119 10.59 27.71 6.83
N ILE A 120 9.63 27.38 7.74
CA ILE A 120 8.88 26.13 7.71
C ILE A 120 8.13 26.02 6.38
N ASN A 121 7.48 27.11 5.92
CA ASN A 121 6.77 27.18 4.64
C ASN A 121 7.71 26.88 3.46
N SER A 122 8.91 27.45 3.45
CA SER A 122 9.86 27.17 2.35
C SER A 122 10.39 25.73 2.42
N GLN A 123 10.56 25.20 3.64
CA GLN A 123 11.01 23.81 3.84
C GLN A 123 9.91 22.80 3.43
N ILE A 124 8.62 23.09 3.73
CA ILE A 124 7.48 22.23 3.30
C ILE A 124 7.43 22.27 1.78
N SER A 125 7.49 23.48 1.16
CA SER A 125 7.48 23.59 -0.31
C SER A 125 8.53 22.68 -0.99
N LEU A 126 9.78 22.71 -0.49
CA LEU A 126 10.85 21.89 -1.05
C LEU A 126 10.61 20.40 -0.84
N LEU A 127 10.18 19.99 0.37
CA LEU A 127 9.92 18.59 0.68
C LEU A 127 8.79 17.96 -0.18
N ILE A 128 7.66 18.66 -0.32
CA ILE A 128 6.50 18.10 -1.02
C ILE A 128 6.63 18.20 -2.55
N GLY A 129 7.58 19.00 -3.03
CA GLY A 129 7.82 19.19 -4.45
C GLY A 129 6.84 20.13 -5.13
N LYS A 130 6.27 21.10 -4.36
CA LYS A 130 5.30 22.07 -4.86
C LYS A 130 5.28 23.24 -3.90
N GLY A 131 5.47 24.45 -4.43
CA GLY A 131 5.43 25.67 -3.66
C GLY A 131 4.06 25.92 -3.06
N LEU A 132 4.00 26.27 -1.75
CA LEU A 132 2.73 26.53 -1.07
C LEU A 132 1.95 27.71 -1.66
N HIS A 133 2.66 28.66 -2.30
CA HIS A 133 2.07 29.85 -2.99
C HIS A 133 1.11 29.42 -4.12
N GLU A 134 1.35 28.23 -4.73
CA GLU A 134 0.53 27.66 -5.82
C GLU A 134 -0.88 27.32 -5.33
N PHE A 135 -0.98 26.88 -4.06
CA PHE A 135 -2.25 26.57 -3.42
C PHE A 135 -3.06 27.87 -3.27
N ASP A 136 -2.41 28.96 -2.76
CA ASP A 136 -3.05 30.28 -2.59
C ASP A 136 -3.51 30.87 -3.93
N SER A 137 -2.68 30.72 -4.99
CA SER A 137 -2.96 31.28 -6.33
C SER A 137 -4.21 30.72 -7.00
N LEU A 138 -4.69 29.52 -6.57
CA LEU A 138 -5.91 28.90 -7.11
C LEU A 138 -7.16 29.66 -6.71
N ARG A 139 -7.07 30.46 -5.60
CA ARG A 139 -8.17 31.23 -5.00
C ARG A 139 -9.40 30.34 -4.89
N ASP A 140 -9.20 29.11 -4.39
CA ASP A 140 -10.23 28.09 -4.27
C ASP A 140 -10.71 27.96 -2.82
N PRO A 141 -11.98 28.32 -2.51
CA PRO A 141 -12.46 28.21 -1.12
C PRO A 141 -12.42 26.78 -0.56
N GLU A 142 -12.57 25.74 -1.42
CA GLU A 142 -12.44 24.35 -0.94
C GLU A 142 -11.03 24.03 -0.49
N VAL A 143 -10.05 24.53 -1.21
CA VAL A 143 -8.62 24.33 -0.91
C VAL A 143 -8.26 25.13 0.35
N ASN A 144 -8.76 26.39 0.43
CA ASN A 144 -8.50 27.27 1.57
C ASN A 144 -9.04 26.70 2.88
N ASP A 145 -10.26 26.13 2.87
CA ASP A 145 -10.93 25.53 4.03
C ASP A 145 -10.24 24.24 4.43
N PHE A 146 -9.82 23.43 3.45
CA PHE A 146 -9.07 22.21 3.73
C PHE A 146 -7.81 22.58 4.49
N ARG A 147 -7.04 23.55 3.98
CA ARG A 147 -5.76 23.95 4.60
C ARG A 147 -5.89 24.42 6.05
N THR A 148 -6.94 25.22 6.34
CA THR A 148 -7.25 25.77 7.65
C THR A 148 -7.65 24.67 8.65
N LYS A 149 -8.68 23.89 8.31
CA LYS A 149 -9.24 22.85 9.16
C LYS A 149 -8.22 21.74 9.41
N MET A 150 -7.45 21.32 8.37
CA MET A 150 -6.46 20.26 8.56
C MET A 150 -5.22 20.72 9.32
N ARG A 151 -4.80 22.00 9.16
CA ARG A 151 -3.68 22.57 9.93
C ARG A 151 -4.03 22.53 11.42
N GLN A 152 -5.23 23.01 11.82
CA GLN A 152 -5.74 23.02 13.21
C GLN A 152 -5.80 21.60 13.77
N PHE A 153 -6.40 20.66 13.01
CA PHE A 153 -6.47 19.26 13.39
C PHE A 153 -5.07 18.67 13.63
N CYS A 154 -4.08 18.95 12.74
CA CYS A 154 -2.71 18.40 12.89
C CYS A 154 -1.93 19.07 14.02
N GLU A 155 -2.13 20.38 14.22
CA GLU A 155 -1.51 21.12 15.33
C GLU A 155 -2.02 20.62 16.70
N GLU A 156 -3.31 20.22 16.80
CA GLU A 156 -3.87 19.61 18.03
C GLU A 156 -3.16 18.27 18.33
N ALA A 157 -3.00 17.41 17.30
CA ALA A 157 -2.28 16.12 17.42
C ALA A 157 -0.85 16.31 17.90
N ALA A 158 -0.15 17.34 17.39
CA ALA A 158 1.22 17.69 17.80
C ALA A 158 1.26 18.08 19.29
N ALA A 159 0.28 18.89 19.76
CA ALA A 159 0.21 19.32 21.17
C ALA A 159 -0.05 18.13 22.10
N HIS A 160 -0.88 17.16 21.69
CA HIS A 160 -1.15 15.93 22.42
C HIS A 160 0.16 15.10 22.54
N ARG A 161 0.96 15.06 21.47
CA ARG A 161 2.21 14.32 21.38
C ARG A 161 3.33 14.84 22.28
N GLN A 162 3.56 16.16 22.26
CA GLN A 162 4.65 16.78 23.02
C GLN A 162 4.52 16.68 24.53
N GLN A 163 3.35 16.21 25.00
CA GLN A 163 3.07 16.01 26.41
C GLN A 163 2.87 14.51 26.77
N LEU A 164 3.15 13.59 25.82
CA LEU A 164 2.97 12.17 26.10
C LEU A 164 3.91 11.74 27.21
N GLY A 165 3.49 10.72 27.96
CA GLY A 165 4.36 10.07 28.93
C GLY A 165 5.49 9.40 28.16
N TRP A 166 6.66 9.15 28.78
CA TRP A 166 7.82 8.61 28.06
C TRP A 166 7.58 7.24 27.36
N VAL A 167 6.76 6.35 27.95
CA VAL A 167 6.46 5.05 27.31
C VAL A 167 5.51 5.28 26.08
N GLU A 168 4.54 6.20 26.23
CA GLU A 168 3.63 6.55 25.13
C GLU A 168 4.38 7.18 24.01
N TRP A 169 5.43 7.93 24.34
CA TRP A 169 6.23 8.53 23.29
C TRP A 169 7.12 7.45 22.58
N LEU A 170 7.52 6.36 23.29
CA LEU A 170 8.22 5.21 22.70
C LEU A 170 7.24 4.51 21.73
N GLN A 171 5.93 4.44 22.09
CA GLN A 171 4.92 3.79 21.23
C GLN A 171 4.71 4.59 19.95
N TYR A 172 4.80 5.92 20.06
CA TYR A 172 4.66 6.83 18.92
C TYR A 172 5.85 6.71 17.95
N SER A 173 7.06 6.90 18.47
CA SER A 173 8.27 6.99 17.69
C SER A 173 8.89 5.65 17.32
N PHE A 174 8.74 4.62 18.18
CA PHE A 174 9.36 3.31 17.98
C PHE A 174 8.29 2.26 18.24
N PRO A 175 7.23 2.18 17.39
CA PRO A 175 6.15 1.21 17.68
C PRO A 175 6.74 -0.19 17.65
N LEU A 176 6.33 -1.02 18.60
CA LEU A 176 6.83 -2.38 18.75
C LEU A 176 6.73 -3.21 17.46
N GLN A 177 7.76 -4.02 17.20
CA GLN A 177 7.81 -4.88 16.03
C GLN A 177 7.69 -6.29 16.54
N LEU A 178 6.47 -6.78 16.58
CA LEU A 178 6.22 -8.11 17.12
C LEU A 178 5.96 -9.16 16.06
N GLU A 179 6.20 -10.44 16.43
CA GLU A 179 5.96 -11.59 15.57
C GLU A 179 4.45 -11.71 15.31
N PRO A 180 3.99 -11.98 14.04
CA PRO A 180 2.52 -12.08 13.78
C PRO A 180 1.75 -12.97 14.74
N SER A 181 2.38 -14.07 15.20
CA SER A 181 1.80 -15.02 16.15
C SER A 181 1.56 -14.43 17.54
N ALA A 182 2.42 -13.45 17.93
CA ALA A 182 2.37 -12.77 19.23
C ALA A 182 1.31 -11.69 19.35
N ARG A 183 0.87 -11.13 18.21
CA ARG A 183 -0.12 -10.05 18.14
C ARG A 183 -1.54 -10.50 18.51
N GLY A 184 -2.09 -9.83 19.52
CA GLY A 184 -3.44 -10.08 20.02
C GLY A 184 -3.58 -11.38 20.79
N ASN A 194 12.07 -22.19 28.68
CA ASN A 194 11.79 -22.72 27.36
C ASN A 194 13.09 -23.00 26.57
N ARG A 195 13.84 -21.93 26.20
CA ARG A 195 15.08 -22.04 25.43
C ARG A 195 16.12 -21.01 25.92
N ALA A 196 17.40 -21.44 26.01
CA ALA A 196 18.54 -20.61 26.43
C ALA A 196 18.85 -19.55 25.38
N LEU A 197 19.13 -18.31 25.81
CA LEU A 197 19.42 -17.18 24.93
C LEU A 197 20.50 -16.27 25.51
N LEU A 198 21.56 -16.05 24.74
CA LEU A 198 22.66 -15.15 25.12
C LEU A 198 22.37 -13.73 24.64
N VAL A 199 22.49 -12.71 25.52
CA VAL A 199 22.20 -11.31 25.15
C VAL A 199 23.34 -10.40 25.61
N ASN A 200 23.72 -9.41 24.79
CA ASN A 200 24.72 -8.42 25.15
C ASN A 200 24.00 -7.12 25.47
N VAL A 201 24.17 -6.62 26.70
CA VAL A 201 23.52 -5.40 27.17
C VAL A 201 24.56 -4.41 27.69
N LYS A 202 24.52 -3.20 27.14
CA LYS A 202 25.33 -2.06 27.59
C LYS A 202 24.36 -0.96 28.06
N PHE A 203 24.89 0.07 28.72
CA PHE A 203 24.13 1.23 29.16
C PHE A 203 24.53 2.37 28.25
N GLU A 204 23.60 3.30 27.95
CA GLU A 204 23.82 4.43 27.03
C GLU A 204 25.13 5.20 27.33
N GLY A 205 25.93 5.40 26.28
CA GLY A 205 27.20 6.10 26.38
C GLY A 205 28.26 5.37 27.21
N SER A 206 28.22 4.03 27.17
CA SER A 206 29.18 3.18 27.89
C SER A 206 30.00 2.39 26.87
N GLU A 207 31.29 2.22 27.16
CA GLU A 207 32.20 1.46 26.31
C GLU A 207 32.21 0.00 26.81
N GLU A 208 31.55 -0.23 27.95
CA GLU A 208 31.44 -1.51 28.62
C GLU A 208 30.06 -2.13 28.42
N SER A 209 30.05 -3.44 28.14
CA SER A 209 28.84 -4.21 27.95
C SER A 209 28.88 -5.47 28.84
N PHE A 210 27.73 -6.12 29.04
CA PHE A 210 27.60 -7.33 29.84
C PHE A 210 26.91 -8.38 28.98
N THR A 211 27.44 -9.60 28.97
CA THR A 211 26.85 -10.70 28.22
C THR A 211 26.25 -11.70 29.20
N PHE A 212 24.96 -11.97 29.07
CA PHE A 212 24.31 -12.90 29.99
C PHE A 212 23.25 -13.79 29.35
N GLN A 213 23.00 -14.94 30.00
CA GLN A 213 22.03 -15.93 29.59
C GLN A 213 20.67 -15.59 30.17
N VAL A 214 19.65 -15.64 29.32
CA VAL A 214 18.24 -15.42 29.67
C VAL A 214 17.45 -16.49 28.93
N SER A 215 16.16 -16.60 29.21
CA SER A 215 15.30 -17.52 28.49
C SER A 215 14.51 -16.67 27.46
N THR A 216 14.08 -17.33 26.37
CA THR A 216 13.25 -16.74 25.30
C THR A 216 11.88 -16.30 25.85
N LYS A 217 11.43 -16.98 26.93
CA LYS A 217 10.17 -16.74 27.60
C LYS A 217 10.24 -15.52 28.56
N ASP A 218 11.47 -15.04 28.86
CA ASP A 218 11.64 -13.89 29.78
C ASP A 218 11.18 -12.61 29.15
N MET A 219 10.72 -11.68 29.97
CA MET A 219 10.19 -10.40 29.54
C MET A 219 11.28 -9.32 29.67
N PRO A 220 11.25 -8.23 28.83
CA PRO A 220 12.32 -7.21 28.90
C PRO A 220 12.72 -6.75 30.28
N LEU A 221 11.74 -6.55 31.18
CA LEU A 221 11.96 -6.15 32.57
C LEU A 221 12.96 -7.04 33.34
N ALA A 222 12.89 -8.37 33.18
CA ALA A 222 13.78 -9.35 33.84
C ALA A 222 15.22 -9.24 33.32
N LEU A 223 15.35 -8.86 32.06
CA LEU A 223 16.62 -8.66 31.41
C LEU A 223 17.21 -7.34 31.93
N MET A 224 16.35 -6.32 32.06
CA MET A 224 16.71 -4.99 32.56
C MET A 224 17.13 -5.03 34.03
N ALA A 225 16.36 -5.75 34.88
CA ALA A 225 16.67 -5.96 36.31
C ALA A 225 18.04 -6.66 36.46
N CYS A 226 18.35 -7.60 35.57
CA CYS A 226 19.59 -8.35 35.52
C CYS A 226 20.78 -7.45 35.14
N ALA A 227 20.59 -6.56 34.14
CA ALA A 227 21.58 -5.58 33.69
C ALA A 227 21.85 -4.54 34.78
N LEU A 228 20.81 -4.20 35.58
CA LEU A 228 20.94 -3.24 36.67
C LEU A 228 21.69 -3.84 37.86
N ARG A 229 21.48 -5.14 38.15
CA ARG A 229 22.19 -5.86 39.21
C ARG A 229 23.67 -5.94 38.86
N LYS A 230 23.99 -6.29 37.60
CA LYS A 230 25.37 -6.36 37.09
C LYS A 230 26.07 -5.00 37.21
N LYS A 231 25.38 -3.88 36.85
CA LYS A 231 25.93 -2.51 36.96
C LYS A 231 26.26 -2.16 38.41
N ALA A 232 25.33 -2.44 39.34
CA ALA A 232 25.46 -2.16 40.77
C ALA A 232 26.63 -2.92 41.39
N THR A 233 26.91 -4.15 40.90
CA THR A 233 28.00 -4.98 41.42
C THR A 233 29.35 -4.48 40.88
N VAL A 234 29.45 -4.26 39.56
CA VAL A 234 30.64 -3.77 38.86
C VAL A 234 31.01 -2.34 39.33
N PHE A 235 30.01 -1.42 39.47
CA PHE A 235 30.24 -0.04 39.90
C PHE A 235 30.28 0.13 41.43
N ARG A 236 30.17 -0.99 42.19
CA ARG A 236 30.28 -1.11 43.66
C ARG A 236 29.29 -0.24 44.48
N GLN A 237 28.14 0.15 43.89
CA GLN A 237 27.17 0.98 44.60
C GLN A 237 25.72 0.50 44.43
N PRO A 238 24.87 0.54 45.50
CA PRO A 238 23.46 0.17 45.32
C PRO A 238 22.75 1.25 44.50
N LEU A 239 22.16 0.86 43.36
CA LEU A 239 21.52 1.80 42.45
C LEU A 239 20.17 2.33 42.91
N VAL A 240 19.87 3.59 42.54
CA VAL A 240 18.60 4.27 42.81
C VAL A 240 17.54 3.76 41.79
N GLU A 241 17.99 3.54 40.53
CA GLU A 241 17.20 3.09 39.37
C GLU A 241 16.59 1.70 39.51
N GLN A 242 15.34 1.59 39.03
CA GLN A 242 14.50 0.40 38.98
C GLN A 242 14.37 -0.01 37.52
N PRO A 243 14.12 -1.31 37.18
CA PRO A 243 14.00 -1.69 35.75
C PRO A 243 12.89 -0.95 35.01
N GLU A 244 11.82 -0.55 35.71
CA GLU A 244 10.67 0.19 35.19
C GLU A 244 11.02 1.56 34.55
N GLU A 245 12.16 2.15 34.93
CA GLU A 245 12.64 3.45 34.46
C GLU A 245 13.36 3.40 33.09
N TYR A 246 13.51 2.19 32.49
CA TYR A 246 14.24 1.99 31.23
C TYR A 246 13.49 1.26 30.14
N ALA A 247 14.04 1.36 28.94
CA ALA A 247 13.66 0.64 27.74
C ALA A 247 14.95 0.09 27.10
N LEU A 248 14.82 -0.95 26.32
CA LEU A 248 15.97 -1.54 25.65
C LEU A 248 16.01 -1.13 24.20
N GLN A 249 17.02 -0.36 23.77
CA GLN A 249 17.19 -0.04 22.36
C GLN A 249 17.98 -1.16 21.65
N VAL A 250 17.59 -1.53 20.41
CA VAL A 250 18.34 -2.45 19.57
C VAL A 250 19.53 -1.56 19.07
N ASN A 251 20.79 -1.95 19.41
CA ASN A 251 22.01 -1.18 19.09
C ASN A 251 22.03 -0.54 17.68
N GLY A 252 22.21 0.78 17.67
CA GLY A 252 22.25 1.62 16.48
C GLY A 252 21.06 1.52 15.54
N ARG A 253 19.86 1.34 16.11
CA ARG A 253 18.64 1.21 15.32
C ARG A 253 17.53 1.96 16.04
N HIS A 254 16.54 2.50 15.29
CA HIS A 254 15.38 3.16 15.95
C HIS A 254 14.32 2.09 16.19
N GLU A 255 14.64 1.16 17.10
CA GLU A 255 13.84 0.01 17.47
C GLU A 255 14.08 -0.25 18.96
N TYR A 256 13.00 -0.54 19.70
CA TYR A 256 13.08 -0.77 21.14
C TYR A 256 12.30 -1.98 21.55
N LEU A 257 12.76 -2.60 22.64
CA LEU A 257 12.08 -3.74 23.23
C LEU A 257 11.60 -3.22 24.57
N TYR A 258 10.27 -3.24 24.74
CA TYR A 258 9.59 -2.78 25.97
C TYR A 258 8.23 -3.48 26.06
N GLY A 259 7.56 -3.36 27.19
CA GLY A 259 6.25 -3.98 27.41
C GLY A 259 6.32 -5.40 27.92
N ASN A 260 5.16 -5.93 28.35
CA ASN A 260 5.03 -7.27 28.90
C ASN A 260 4.82 -8.35 27.82
N TYR A 261 5.88 -8.59 27.06
CA TYR A 261 5.93 -9.58 26.00
C TYR A 261 7.20 -10.39 26.21
N PRO A 262 7.16 -11.74 26.04
CA PRO A 262 8.42 -12.50 26.13
C PRO A 262 9.35 -12.12 24.98
N LEU A 263 10.68 -12.21 25.20
CA LEU A 263 11.70 -11.86 24.20
C LEU A 263 11.49 -12.52 22.82
N CYS A 264 10.97 -13.77 22.77
CA CYS A 264 10.73 -14.51 21.51
C CYS A 264 9.59 -13.90 20.66
N HIS A 265 8.70 -13.11 21.28
CA HIS A 265 7.58 -12.43 20.61
C HIS A 265 8.05 -11.20 19.82
N PHE A 266 9.29 -10.71 20.07
CA PHE A 266 9.87 -9.57 19.35
C PHE A 266 10.52 -10.04 18.07
N GLN A 267 10.28 -9.29 16.98
CA GLN A 267 10.85 -9.59 15.65
C GLN A 267 12.37 -9.66 15.69
N TYR A 268 13.02 -8.65 16.36
CA TYR A 268 14.48 -8.61 16.48
C TYR A 268 15.06 -9.87 17.15
N ILE A 269 14.52 -10.31 18.30
CA ILE A 269 15.02 -11.51 18.99
C ILE A 269 14.80 -12.75 18.12
N CYS A 270 13.57 -12.91 17.57
CA CYS A 270 13.18 -14.00 16.68
C CYS A 270 14.17 -14.12 15.51
N SER A 271 14.60 -12.99 14.94
CA SER A 271 15.57 -12.86 13.85
C SER A 271 16.95 -13.37 14.31
N CYS A 272 17.43 -12.90 15.49
CA CYS A 272 18.68 -13.30 16.10
C CYS A 272 18.69 -14.82 16.35
N LEU A 273 17.58 -15.37 16.89
CA LEU A 273 17.37 -16.79 17.18
C LEU A 273 17.51 -17.70 15.96
N HIS A 274 16.90 -17.32 14.79
CA HIS A 274 16.96 -18.11 13.57
C HIS A 274 18.32 -18.04 12.86
N SER A 275 18.99 -16.87 12.89
CA SER A 275 20.31 -16.70 12.28
C SER A 275 21.48 -17.00 13.26
N GLY A 276 21.14 -17.41 14.48
CA GLY A 276 22.10 -17.77 15.53
C GLY A 276 22.86 -16.64 16.20
N LEU A 277 22.79 -15.41 15.65
CA LEU A 277 23.46 -14.21 16.16
C LEU A 277 23.00 -13.80 17.58
N THR A 278 23.84 -13.03 18.30
CA THR A 278 23.59 -12.60 19.68
C THR A 278 22.90 -11.21 19.73
N PRO A 279 21.68 -11.10 20.30
CA PRO A 279 21.06 -9.76 20.44
C PRO A 279 21.91 -8.77 21.23
N HIS A 280 22.13 -7.57 20.67
CA HIS A 280 22.89 -6.48 21.25
C HIS A 280 21.92 -5.37 21.59
N LEU A 281 21.76 -5.08 22.91
CA LEU A 281 20.80 -4.09 23.42
C LEU A 281 21.42 -3.01 24.29
N THR A 282 20.77 -1.84 24.33
CA THR A 282 21.24 -0.73 25.12
C THR A 282 20.15 -0.32 26.07
N MET A 283 20.47 -0.24 27.37
CA MET A 283 19.56 0.24 28.42
C MET A 283 19.46 1.75 28.27
N VAL A 284 18.26 2.23 27.92
CA VAL A 284 18.01 3.67 27.75
C VAL A 284 17.08 4.16 28.87
N HIS A 285 17.50 5.15 29.65
CA HIS A 285 16.74 5.71 30.77
C HIS A 285 15.62 6.66 30.29
N SER A 286 14.49 6.67 31.00
CA SER A 286 13.32 7.52 30.71
C SER A 286 13.66 9.01 30.48
N SER A 287 14.68 9.53 31.20
CA SER A 287 15.16 10.92 31.07
C SER A 287 15.76 11.17 29.68
N SER A 288 16.39 10.14 29.11
CA SER A 288 16.96 10.22 27.77
C SER A 288 15.85 10.19 26.71
N ILE A 289 14.79 9.38 26.94
CA ILE A 289 13.62 9.29 26.05
C ILE A 289 12.85 10.63 26.09
N LEU A 290 12.74 11.25 27.27
CA LEU A 290 12.07 12.55 27.44
C LEU A 290 12.84 13.66 26.72
N ALA A 291 14.20 13.63 26.79
CA ALA A 291 15.07 14.58 26.07
C ALA A 291 14.80 14.50 24.56
N MET A 292 14.52 13.29 24.03
CA MET A 292 14.19 13.03 22.62
C MET A 292 12.87 13.70 22.30
N ARG A 293 11.84 13.48 23.17
CA ARG A 293 10.51 14.05 23.05
C ARG A 293 10.61 15.56 22.96
N ASP A 294 11.32 16.17 23.92
CA ASP A 294 11.52 17.60 24.03
C ASP A 294 12.28 18.24 22.85
N GLU A 295 13.38 17.60 22.40
CA GLU A 295 14.20 18.06 21.26
C GLU A 295 13.41 18.05 19.95
N GLN A 296 12.40 17.18 19.87
CA GLN A 296 11.62 16.96 18.65
C GLN A 296 10.30 17.70 18.62
N SER A 297 10.18 18.76 19.44
CA SER A 297 9.00 19.59 19.56
C SER A 297 8.82 20.59 18.42
N ASN A 298 7.55 20.76 17.96
CA ASN A 298 7.14 21.77 16.99
C ASN A 298 7.45 23.13 17.63
N PRO A 299 7.77 24.20 16.85
CA PRO A 299 8.03 25.51 17.49
C PRO A 299 6.83 26.07 18.25
N ALA A 300 7.09 27.03 19.16
CA ALA A 300 6.09 27.69 20.00
C ALA A 300 5.35 28.79 19.21
N SER A 322 -36.68 23.43 -0.92
CA SER A 322 -36.16 22.08 -0.75
C SER A 322 -35.93 21.37 -2.09
N LEU A 323 -34.85 20.56 -2.16
CA LEU A 323 -34.45 19.78 -3.32
C LEU A 323 -35.54 18.77 -3.75
N TRP A 324 -36.21 18.13 -2.76
CA TRP A 324 -37.23 17.09 -2.96
C TRP A 324 -38.53 17.56 -3.63
N SER A 325 -38.71 18.89 -3.81
CA SER A 325 -39.89 19.45 -4.47
C SER A 325 -39.61 19.68 -5.96
N LEU A 326 -38.30 19.75 -6.33
CA LEU A 326 -37.88 19.97 -7.71
C LEU A 326 -38.08 18.70 -8.56
N GLU A 327 -39.27 18.57 -9.18
CA GLU A 327 -39.66 17.39 -9.95
C GLU A 327 -39.24 17.39 -11.41
N GLN A 328 -38.89 18.57 -11.98
CA GLN A 328 -38.50 18.71 -13.37
C GLN A 328 -37.27 17.82 -13.72
N PRO A 329 -37.16 17.30 -14.96
CA PRO A 329 -35.99 16.46 -15.32
C PRO A 329 -34.67 17.22 -15.23
N PHE A 330 -33.57 16.55 -14.83
CA PHE A 330 -32.26 17.19 -14.80
C PHE A 330 -31.86 17.47 -16.24
N SER A 331 -31.27 18.64 -16.47
CA SER A 331 -30.84 19.09 -17.79
C SER A 331 -29.66 20.03 -17.64
N ILE A 332 -28.88 20.16 -18.71
CA ILE A 332 -27.75 21.09 -18.82
C ILE A 332 -27.78 21.71 -20.20
N GLU A 333 -26.99 22.75 -20.40
CA GLU A 333 -26.79 23.34 -21.70
C GLU A 333 -25.33 23.07 -22.05
N LEU A 334 -25.09 22.40 -23.18
CA LEU A 334 -23.74 22.15 -23.69
C LEU A 334 -23.50 23.34 -24.62
N ILE A 335 -22.65 24.28 -24.19
CA ILE A 335 -22.38 25.50 -24.94
C ILE A 335 -21.37 25.26 -26.06
N GLU A 336 -20.09 25.11 -25.72
CA GLU A 336 -19.01 24.97 -26.72
C GLU A 336 -17.79 24.20 -26.23
N GLY A 337 -16.89 23.93 -27.17
CA GLY A 337 -15.60 23.29 -26.93
C GLY A 337 -14.48 24.25 -27.33
N ARG A 338 -13.30 24.14 -26.69
CA ARG A 338 -12.15 24.99 -26.97
C ARG A 338 -10.90 24.12 -27.05
N LYS A 339 -9.92 24.51 -27.89
CA LYS A 339 -8.63 23.83 -28.08
C LYS A 339 -8.80 22.33 -28.49
N VAL A 340 -9.85 22.01 -29.27
CA VAL A 340 -10.12 20.64 -29.72
C VAL A 340 -9.24 20.25 -30.94
N ASN A 341 -8.61 19.06 -30.88
CA ASN A 341 -7.77 18.53 -31.96
C ASN A 341 -8.26 17.16 -32.38
N ALA A 342 -8.61 17.02 -33.68
CA ALA A 342 -9.08 15.77 -34.30
C ALA A 342 -9.10 15.93 -35.81
N ASP A 343 -9.24 14.80 -36.53
CA ASP A 343 -9.31 14.75 -37.98
C ASP A 343 -10.49 15.58 -38.50
N GLU A 344 -10.20 16.58 -39.36
CA GLU A 344 -11.17 17.51 -39.98
C GLU A 344 -12.21 16.83 -40.89
N ARG A 345 -11.94 15.58 -41.31
CA ARG A 345 -12.86 14.76 -42.11
C ARG A 345 -14.01 14.19 -41.21
N MET A 346 -13.83 14.24 -39.87
CA MET A 346 -14.77 13.69 -38.90
C MET A 346 -15.75 14.71 -38.30
N LYS A 347 -16.64 14.24 -37.39
CA LYS A 347 -17.64 15.03 -36.66
C LYS A 347 -17.36 14.90 -35.16
N LEU A 348 -17.62 15.95 -34.36
CA LEU A 348 -17.42 15.94 -32.89
C LEU A 348 -18.72 15.67 -32.17
N VAL A 349 -18.68 14.76 -31.17
CA VAL A 349 -19.83 14.33 -30.37
C VAL A 349 -19.46 14.38 -28.90
N VAL A 350 -20.42 14.80 -28.06
CA VAL A 350 -20.27 14.83 -26.62
C VAL A 350 -21.29 13.83 -26.02
N GLN A 351 -20.79 12.75 -25.41
CA GLN A 351 -21.60 11.76 -24.71
C GLN A 351 -21.59 12.22 -23.24
N ALA A 352 -22.75 12.25 -22.61
CA ALA A 352 -22.91 12.75 -21.24
C ALA A 352 -23.73 11.75 -20.41
N GLY A 353 -23.26 11.45 -19.21
CA GLY A 353 -23.95 10.51 -18.33
C GLY A 353 -23.90 10.90 -16.87
N LEU A 354 -24.95 10.49 -16.13
CA LEU A 354 -25.08 10.71 -14.68
C LEU A 354 -24.83 9.41 -13.97
N PHE A 355 -23.92 9.48 -13.00
CA PHE A 355 -23.44 8.33 -12.26
C PHE A 355 -23.42 8.52 -10.77
N HIS A 356 -23.58 7.39 -10.08
CA HIS A 356 -23.42 7.24 -8.63
C HIS A 356 -22.41 6.10 -8.55
N GLY A 357 -21.15 6.50 -8.44
CA GLY A 357 -20.04 5.57 -8.51
C GLY A 357 -19.89 5.15 -9.96
N ASN A 358 -20.01 3.84 -10.22
CA ASN A 358 -19.91 3.32 -11.58
C ASN A 358 -21.27 3.05 -12.18
N GLU A 359 -22.32 3.06 -11.35
CA GLU A 359 -23.69 2.79 -11.77
C GLU A 359 -24.37 4.01 -12.43
N MET A 360 -25.06 3.77 -13.56
CA MET A 360 -25.77 4.85 -14.26
C MET A 360 -27.02 5.19 -13.47
N LEU A 361 -27.30 6.49 -13.29
CA LEU A 361 -28.51 6.93 -12.59
C LEU A 361 -29.73 6.98 -13.52
N CYS A 362 -29.48 6.98 -14.84
CA CYS A 362 -30.42 7.03 -15.98
C CYS A 362 -29.61 6.77 -17.25
N LYS A 363 -30.27 6.61 -18.40
CA LYS A 363 -29.56 6.36 -19.67
C LYS A 363 -28.62 7.52 -20.08
N THR A 364 -27.57 7.24 -20.87
CA THR A 364 -26.65 8.29 -21.33
C THR A 364 -27.31 9.13 -22.44
N VAL A 365 -26.98 10.43 -22.51
CA VAL A 365 -27.52 11.35 -23.53
C VAL A 365 -26.37 11.93 -24.38
N SER A 366 -26.55 11.97 -25.71
CA SER A 366 -25.52 12.45 -26.61
C SER A 366 -25.90 13.71 -27.36
N SER A 367 -24.90 14.56 -27.67
CA SER A 367 -25.14 15.80 -28.43
C SER A 367 -25.41 15.48 -29.91
N SER A 368 -25.66 16.54 -30.72
CA SER A 368 -25.82 16.41 -32.16
C SER A 368 -24.38 16.40 -32.73
N GLU A 369 -24.20 15.78 -33.91
CA GLU A 369 -22.90 15.69 -34.58
C GLU A 369 -22.62 17.04 -35.21
N VAL A 370 -21.51 17.68 -34.81
CA VAL A 370 -21.06 18.99 -35.30
C VAL A 370 -19.69 18.79 -35.98
N ASN A 371 -19.37 19.55 -37.03
CA ASN A 371 -18.10 19.44 -37.77
C ASN A 371 -16.87 19.61 -36.90
N VAL A 372 -15.81 18.83 -37.19
CA VAL A 372 -14.55 18.93 -36.46
C VAL A 372 -13.91 20.28 -36.76
N CYS A 373 -13.58 21.00 -35.69
CA CYS A 373 -12.90 22.28 -35.65
C CYS A 373 -12.38 22.49 -34.21
N SER A 374 -11.47 23.45 -34.02
CA SER A 374 -10.82 23.79 -32.75
C SER A 374 -11.81 24.31 -31.70
N GLU A 375 -12.80 25.11 -32.11
CA GLU A 375 -13.81 25.70 -31.24
C GLU A 375 -15.24 25.27 -31.64
N PRO A 376 -15.67 24.00 -31.39
CA PRO A 376 -17.06 23.61 -31.76
C PRO A 376 -18.11 24.30 -30.92
N VAL A 377 -19.29 24.56 -31.51
CA VAL A 377 -20.38 25.24 -30.83
C VAL A 377 -21.63 24.37 -30.89
N TRP A 378 -22.17 23.99 -29.71
CA TRP A 378 -23.42 23.24 -29.68
C TRP A 378 -24.58 24.15 -29.28
N LYS A 379 -24.46 24.85 -28.11
CA LYS A 379 -25.47 25.72 -27.50
C LYS A 379 -26.83 25.00 -27.50
N GLN A 380 -26.81 23.75 -26.97
CA GLN A 380 -27.98 22.87 -26.94
C GLN A 380 -28.24 22.27 -25.59
N ARG A 381 -29.52 21.97 -25.32
CA ARG A 381 -30.00 21.40 -24.08
C ARG A 381 -29.90 19.88 -24.06
N LEU A 382 -29.30 19.33 -23.01
CA LEU A 382 -29.21 17.89 -22.80
C LEU A 382 -30.04 17.58 -21.58
N GLU A 383 -31.18 16.90 -21.77
CA GLU A 383 -32.12 16.54 -20.71
C GLU A 383 -31.99 15.05 -20.38
N PHE A 384 -31.84 14.74 -19.08
CA PHE A 384 -31.66 13.38 -18.58
C PHE A 384 -32.98 12.79 -18.09
N ASP A 385 -33.04 11.46 -17.93
CA ASP A 385 -34.24 10.76 -17.45
C ASP A 385 -34.16 10.50 -15.94
N ILE A 386 -34.14 11.60 -15.18
CA ILE A 386 -34.08 11.64 -13.71
C ILE A 386 -34.54 13.03 -13.26
N SER A 387 -35.38 13.08 -12.22
CA SER A 387 -35.85 14.35 -11.68
C SER A 387 -34.74 14.97 -10.84
N VAL A 388 -34.70 16.31 -10.74
CA VAL A 388 -33.72 17.04 -9.94
C VAL A 388 -33.82 16.61 -8.43
N CYS A 389 -35.02 16.19 -7.98
CA CYS A 389 -35.23 15.73 -6.60
C CYS A 389 -34.58 14.38 -6.30
N ASP A 390 -34.38 13.54 -7.34
CA ASP A 390 -33.82 12.18 -7.22
C ASP A 390 -32.29 12.08 -7.41
N LEU A 391 -31.60 13.23 -7.60
CA LEU A 391 -30.14 13.23 -7.73
C LEU A 391 -29.55 12.93 -6.35
N PRO A 392 -28.77 11.85 -6.19
CA PRO A 392 -28.19 11.56 -4.88
C PRO A 392 -27.03 12.53 -4.59
N ARG A 393 -26.68 12.70 -3.32
CA ARG A 393 -25.61 13.56 -2.81
C ARG A 393 -24.28 13.45 -3.59
N MET A 394 -23.87 12.22 -3.94
CA MET A 394 -22.62 11.95 -4.64
C MET A 394 -22.80 11.77 -6.17
N ALA A 395 -23.86 12.35 -6.74
CA ALA A 395 -24.09 12.26 -8.17
C ALA A 395 -22.98 13.02 -8.90
N ARG A 396 -22.35 12.34 -9.89
CA ARG A 396 -21.34 12.94 -10.75
C ARG A 396 -21.83 12.99 -12.22
N LEU A 397 -21.58 14.13 -12.88
CA LEU A 397 -21.94 14.38 -14.28
C LEU A 397 -20.65 14.11 -15.09
N CYS A 398 -20.73 13.12 -15.99
CA CYS A 398 -19.58 12.63 -16.73
C CYS A 398 -19.66 12.90 -18.19
N PHE A 399 -18.57 13.40 -18.77
CA PHE A 399 -18.52 13.78 -20.19
C PHE A 399 -17.43 13.08 -20.98
N ALA A 400 -17.69 12.80 -22.28
CA ALA A 400 -16.70 12.20 -23.17
C ALA A 400 -16.83 12.86 -24.53
N LEU A 401 -15.80 13.59 -24.94
CA LEU A 401 -15.78 14.26 -26.26
C LEU A 401 -15.09 13.26 -27.18
N TYR A 402 -15.69 12.98 -28.35
CA TYR A 402 -15.10 12.04 -29.28
C TYR A 402 -15.42 12.38 -30.73
N ALA A 403 -14.70 11.76 -31.67
CA ALA A 403 -14.85 12.01 -33.09
C ALA A 403 -15.47 10.79 -33.77
N VAL A 404 -16.37 11.03 -34.72
CA VAL A 404 -17.06 9.97 -35.48
C VAL A 404 -16.96 10.15 -36.99
N VAL A 405 -16.93 9.02 -37.72
CA VAL A 405 -16.88 9.00 -39.19
C VAL A 405 -18.31 9.24 -39.73
N ASP A 422 -14.88 4.54 -33.65
CA ASP A 422 -14.87 5.75 -32.85
C ASP A 422 -13.45 6.24 -32.53
N CYS A 423 -13.30 7.56 -32.34
CA CYS A 423 -12.02 8.22 -32.04
C CYS A 423 -12.11 8.98 -30.69
N PRO A 424 -11.74 8.34 -29.55
CA PRO A 424 -11.81 9.03 -28.25
C PRO A 424 -10.83 10.20 -28.15
N ILE A 425 -11.34 11.39 -27.78
CA ILE A 425 -10.52 12.59 -27.68
C ILE A 425 -10.23 12.98 -26.21
N ALA A 426 -11.30 13.28 -25.42
CA ALA A 426 -11.13 13.68 -24.02
C ALA A 426 -12.36 13.33 -23.16
N TRP A 427 -12.22 13.45 -21.84
CA TRP A 427 -13.27 13.20 -20.85
C TRP A 427 -13.11 14.22 -19.71
N ALA A 428 -14.17 14.45 -18.94
CA ALA A 428 -14.20 15.37 -17.78
C ALA A 428 -15.39 14.99 -16.93
N ASN A 429 -15.25 15.06 -15.61
CA ASN A 429 -16.33 14.75 -14.67
C ASN A 429 -16.44 15.86 -13.65
N LEU A 430 -17.63 16.03 -13.08
CA LEU A 430 -17.83 17.01 -12.03
C LEU A 430 -18.92 16.53 -11.10
N MET A 431 -18.88 16.95 -9.84
CA MET A 431 -19.92 16.64 -8.86
C MET A 431 -21.04 17.66 -9.09
N LEU A 432 -22.31 17.24 -8.93
CA LEU A 432 -23.47 18.13 -9.09
C LEU A 432 -23.68 19.04 -7.89
N PHE A 433 -23.27 18.58 -6.69
CA PHE A 433 -23.31 19.37 -5.46
C PHE A 433 -21.84 19.71 -5.07
N ASP A 434 -21.59 20.93 -4.58
CA ASP A 434 -20.24 21.34 -4.16
C ASP A 434 -19.91 20.76 -2.79
N TYR A 435 -18.74 21.14 -2.23
CA TYR A 435 -18.25 20.64 -0.95
C TYR A 435 -19.08 21.09 0.26
N LYS A 436 -19.92 22.13 0.09
CA LYS A 436 -20.79 22.67 1.13
C LYS A 436 -22.26 22.25 0.91
N ASP A 437 -22.48 21.13 0.17
CA ASP A 437 -23.76 20.50 -0.17
C ASP A 437 -24.69 21.33 -1.08
N GLN A 438 -24.20 22.42 -1.68
CA GLN A 438 -25.04 23.23 -2.56
C GLN A 438 -25.09 22.66 -3.98
N LEU A 439 -26.32 22.62 -4.57
CA LEU A 439 -26.52 22.16 -5.94
C LEU A 439 -25.96 23.23 -6.87
N LYS A 440 -25.03 22.81 -7.74
CA LYS A 440 -24.33 23.72 -8.64
C LYS A 440 -25.20 24.34 -9.74
N THR A 441 -25.07 25.65 -9.90
CA THR A 441 -25.75 26.46 -10.93
C THR A 441 -24.68 27.35 -11.60
N GLY A 442 -25.02 27.85 -12.78
CA GLY A 442 -24.13 28.73 -13.54
C GLY A 442 -23.24 28.02 -14.52
N GLU A 443 -22.36 28.80 -15.16
CA GLU A 443 -21.42 28.29 -16.15
C GLU A 443 -20.24 27.55 -15.52
N ARG A 444 -19.77 26.51 -16.22
CA ARG A 444 -18.60 25.72 -15.85
C ARG A 444 -17.75 25.49 -17.08
N CYS A 445 -16.48 25.83 -16.99
CA CYS A 445 -15.54 25.57 -18.05
C CYS A 445 -14.76 24.36 -17.52
N LEU A 446 -14.91 23.22 -18.18
CA LEU A 446 -14.31 21.96 -17.77
C LEU A 446 -13.07 21.67 -18.59
N TYR A 447 -11.90 21.82 -17.96
CA TYR A 447 -10.62 21.51 -18.58
C TYR A 447 -10.51 19.98 -18.61
N MET A 448 -10.54 19.42 -19.82
CA MET A 448 -10.62 17.98 -20.06
C MET A 448 -9.33 17.24 -19.99
N TRP A 449 -9.44 15.94 -19.76
CA TRP A 449 -8.31 15.04 -19.65
C TRP A 449 -8.30 14.21 -20.93
N PRO A 450 -7.12 13.98 -21.57
CA PRO A 450 -7.11 13.19 -22.82
C PRO A 450 -7.40 11.72 -22.59
N SER A 451 -8.26 11.13 -23.44
CA SER A 451 -8.69 9.74 -23.36
C SER A 451 -7.62 8.82 -23.93
N VAL A 452 -7.18 7.82 -23.13
CA VAL A 452 -6.16 6.84 -23.52
C VAL A 452 -6.84 5.59 -24.10
N LEU A 459 -17.09 5.13 -23.52
CA LEU A 459 -16.10 6.21 -23.59
C LEU A 459 -16.07 7.04 -22.30
N LEU A 460 -17.16 6.94 -21.51
CA LEU A 460 -17.30 7.66 -20.24
C LEU A 460 -16.42 7.06 -19.16
N ASN A 461 -15.85 7.92 -18.31
CA ASN A 461 -14.93 7.49 -17.26
C ASN A 461 -15.45 7.90 -15.86
N PRO A 462 -16.51 7.23 -15.31
CA PRO A 462 -17.04 7.66 -14.01
C PRO A 462 -16.06 7.61 -12.84
N ALA A 463 -15.11 6.65 -12.84
CA ALA A 463 -14.10 6.58 -11.76
C ALA A 463 -13.06 7.70 -11.84
N GLY A 464 -12.99 8.40 -12.97
CA GLY A 464 -12.04 9.50 -13.17
C GLY A 464 -12.23 10.62 -12.17
N THR A 465 -11.16 11.39 -11.89
CA THR A 465 -11.21 12.54 -10.97
C THR A 465 -12.28 13.59 -11.38
N VAL A 466 -12.85 14.27 -10.39
CA VAL A 466 -13.89 15.30 -10.57
C VAL A 466 -13.29 16.71 -10.56
N ARG A 467 -11.95 16.81 -10.68
CA ARG A 467 -11.27 18.11 -10.75
C ARG A 467 -10.69 18.23 -12.15
N GLY A 468 -10.69 19.45 -12.68
CA GLY A 468 -10.22 19.75 -14.02
C GLY A 468 -8.74 19.57 -14.21
N ASN A 469 -8.35 19.37 -15.47
CA ASN A 469 -6.96 19.25 -15.89
C ASN A 469 -6.25 20.57 -15.57
N PRO A 470 -5.17 20.57 -14.74
CA PRO A 470 -4.47 21.84 -14.42
C PRO A 470 -3.75 22.49 -15.61
N ASN A 471 -3.47 21.70 -16.67
CA ASN A 471 -2.82 22.17 -17.88
C ASN A 471 -3.82 22.85 -18.82
N THR A 472 -4.30 24.03 -18.40
CA THR A 472 -5.26 24.90 -19.07
C THR A 472 -4.77 25.39 -20.46
N GLU A 473 -3.44 25.51 -20.65
CA GLU A 473 -2.78 25.96 -21.89
C GLU A 473 -2.96 24.98 -23.06
N SER A 474 -2.81 23.68 -22.81
CA SER A 474 -2.91 22.63 -23.83
C SER A 474 -4.25 21.85 -23.84
N ALA A 475 -4.92 21.72 -22.67
CA ALA A 475 -6.17 20.96 -22.52
C ALA A 475 -7.33 21.46 -23.33
N ALA A 476 -8.14 20.49 -23.83
CA ALA A 476 -9.40 20.74 -24.52
C ALA A 476 -10.35 21.20 -23.42
N ALA A 477 -11.22 22.17 -23.73
CA ALA A 477 -12.15 22.69 -22.73
C ALA A 477 -13.58 22.53 -23.19
N LEU A 478 -14.49 22.16 -22.27
CA LEU A 478 -15.92 22.02 -22.56
C LEU A 478 -16.64 23.01 -21.67
N VAL A 479 -17.39 23.91 -22.29
CA VAL A 479 -18.15 24.95 -21.60
C VAL A 479 -19.58 24.46 -21.50
N ILE A 480 -20.07 24.34 -20.27
CA ILE A 480 -21.43 23.86 -19.97
C ILE A 480 -22.16 24.90 -19.10
N TYR A 481 -23.50 24.80 -19.03
CA TYR A 481 -24.30 25.69 -18.18
C TYR A 481 -25.24 24.88 -17.32
N LEU A 482 -25.11 25.06 -16.00
CA LEU A 482 -25.98 24.39 -15.02
C LEU A 482 -27.15 25.33 -14.74
N PRO A 483 -28.40 24.99 -15.14
CA PRO A 483 -29.52 25.94 -14.97
C PRO A 483 -29.97 26.20 -13.53
N GLU A 484 -30.40 27.45 -13.26
CA GLU A 484 -30.91 27.86 -11.97
C GLU A 484 -32.30 27.27 -11.78
N VAL A 485 -32.35 26.10 -11.11
CA VAL A 485 -33.55 25.30 -10.84
C VAL A 485 -34.55 25.99 -9.89
N ALA A 486 -34.09 26.97 -9.10
CA ALA A 486 -34.89 27.71 -8.12
C ALA A 486 -34.34 29.14 -7.91
N PRO A 487 -35.18 30.15 -7.57
CA PRO A 487 -34.67 31.52 -7.38
C PRO A 487 -33.78 31.72 -6.13
N HIS A 488 -33.66 30.69 -5.27
CA HIS A 488 -32.84 30.72 -4.05
C HIS A 488 -31.85 29.52 -4.04
N PRO A 489 -30.66 29.60 -3.39
CA PRO A 489 -29.75 28.43 -3.37
C PRO A 489 -30.39 27.18 -2.76
N VAL A 490 -30.07 26.01 -3.36
CA VAL A 490 -30.59 24.69 -2.99
C VAL A 490 -29.47 23.80 -2.42
N TYR A 491 -29.66 23.32 -1.19
CA TYR A 491 -28.71 22.46 -0.52
C TYR A 491 -29.24 21.06 -0.44
N PHE A 492 -28.34 20.07 -0.37
CA PHE A 492 -28.77 18.69 -0.19
C PHE A 492 -29.36 18.60 1.23
N PRO A 493 -30.53 17.95 1.44
CA PRO A 493 -31.11 17.93 2.79
C PRO A 493 -30.19 17.36 3.88
N ALA A 494 -30.30 17.91 5.10
CA ALA A 494 -29.53 17.50 6.26
C ALA A 494 -29.94 16.07 6.70
N LEU A 495 -29.06 15.37 7.44
CA LEU A 495 -29.30 14.00 7.91
C LEU A 495 -30.64 13.83 8.66
N GLU A 496 -30.99 14.79 9.54
CA GLU A 496 -32.25 14.78 10.28
C GLU A 496 -33.49 14.83 9.36
N LYS A 497 -33.40 15.56 8.22
CA LYS A 497 -34.48 15.58 7.24
C LYS A 497 -34.56 14.25 6.47
N ILE A 498 -33.38 13.63 6.20
CA ILE A 498 -33.30 12.33 5.51
C ILE A 498 -33.87 11.22 6.42
N LEU A 499 -33.49 11.23 7.72
CA LEU A 499 -33.95 10.23 8.71
C LEU A 499 -35.47 10.28 8.93
N GLU A 500 -36.09 11.48 8.90
CA GLU A 500 -37.54 11.66 9.03
C GLU A 500 -38.25 10.96 7.86
N LEU A 501 -37.78 11.16 6.61
CA LEU A 501 -38.34 10.52 5.41
C LEU A 501 -38.12 9.00 5.37
N GLY A 502 -36.92 8.56 5.77
CA GLY A 502 -36.52 7.16 5.80
C GLY A 502 -37.09 6.33 6.93
N ARG A 503 -37.42 6.98 8.07
CA ARG A 503 -38.03 6.40 9.28
C ARG A 503 -39.38 5.72 8.98
N HIS A 504 -40.12 6.24 7.98
CA HIS A 504 -41.41 5.68 7.59
C HIS A 504 -41.22 4.67 6.49
N GLY A 505 -41.81 3.50 6.70
CA GLY A 505 -41.74 2.38 5.78
C GLY A 505 -42.39 1.12 6.32
N GLU A 506 -42.84 0.25 5.40
CA GLU A 506 -43.47 -1.02 5.73
C GLU A 506 -42.40 -2.11 5.89
N ARG A 507 -42.45 -2.83 7.02
CA ARG A 507 -41.53 -3.92 7.33
C ARG A 507 -42.06 -5.22 6.71
N GLY A 508 -41.17 -5.92 6.01
CA GLY A 508 -41.50 -7.15 5.30
C GLY A 508 -41.76 -8.37 6.14
N ARG A 509 -42.99 -8.92 6.03
CA ARG A 509 -43.44 -10.15 6.70
C ARG A 509 -43.48 -11.22 5.60
N ILE A 510 -42.55 -12.19 5.67
CA ILE A 510 -42.38 -13.21 4.64
C ILE A 510 -42.36 -14.65 5.22
N THR A 511 -42.77 -15.63 4.38
CA THR A 511 -42.82 -17.08 4.67
C THR A 511 -41.44 -17.68 4.95
N GLU A 512 -41.42 -18.87 5.62
CA GLU A 512 -40.21 -19.62 5.96
C GLU A 512 -39.50 -20.16 4.71
N GLU A 513 -40.25 -20.37 3.61
CA GLU A 513 -39.73 -20.87 2.32
C GLU A 513 -38.89 -19.81 1.61
N GLU A 514 -39.31 -18.53 1.68
CA GLU A 514 -38.58 -17.41 1.09
C GLU A 514 -37.48 -16.92 2.06
N GLN A 515 -37.65 -17.19 3.38
CA GLN A 515 -36.69 -16.86 4.44
C GLN A 515 -35.46 -17.76 4.24
N LEU A 516 -35.69 -19.00 3.75
CA LEU A 516 -34.67 -19.98 3.40
C LEU A 516 -33.93 -19.47 2.16
N GLN A 517 -34.67 -18.89 1.19
CA GLN A 517 -34.14 -18.33 -0.06
C GLN A 517 -33.31 -17.06 0.18
N LEU A 518 -33.75 -16.20 1.13
CA LEU A 518 -33.07 -14.96 1.52
C LEU A 518 -31.75 -15.28 2.20
N ARG A 519 -31.75 -16.25 3.14
CA ARG A 519 -30.56 -16.72 3.85
C ARG A 519 -29.58 -17.33 2.83
N GLU A 520 -30.11 -18.01 1.80
CA GLU A 520 -29.34 -18.63 0.72
C GLU A 520 -28.59 -17.57 -0.13
N ILE A 521 -29.25 -16.44 -0.48
CA ILE A 521 -28.65 -15.38 -1.31
C ILE A 521 -27.83 -14.34 -0.48
N LEU A 522 -28.05 -14.25 0.85
CA LEU A 522 -27.30 -13.32 1.70
C LEU A 522 -25.97 -13.93 2.20
N GLU A 523 -25.86 -15.27 2.15
CA GLU A 523 -24.67 -16.02 2.55
C GLU A 523 -23.83 -16.35 1.31
N ARG A 524 -24.47 -16.38 0.12
CA ARG A 524 -23.86 -16.68 -1.18
C ARG A 524 -22.73 -15.72 -1.52
N GLY A 528 -20.66 -12.05 -6.41
CA GLY A 528 -21.90 -12.80 -6.60
C GLY A 528 -23.05 -11.95 -7.11
N GLU A 529 -23.30 -12.00 -8.43
CA GLU A 529 -24.39 -11.25 -9.09
C GLU A 529 -25.77 -11.85 -8.76
N LEU A 530 -26.81 -10.99 -8.74
CA LEU A 530 -28.20 -11.37 -8.43
C LEU A 530 -29.15 -11.14 -9.59
N TYR A 531 -30.27 -11.89 -9.61
CA TYR A 531 -31.35 -11.73 -10.58
C TYR A 531 -32.29 -10.62 -10.05
N GLU A 532 -33.08 -10.01 -10.95
CA GLU A 532 -34.00 -8.91 -10.62
C GLU A 532 -35.00 -9.23 -9.51
N HIS A 533 -35.55 -10.48 -9.46
CA HIS A 533 -36.48 -10.87 -8.40
C HIS A 533 -35.76 -11.07 -7.06
N GLU A 534 -34.52 -11.62 -7.09
CA GLU A 534 -33.68 -11.81 -5.90
C GLU A 534 -33.32 -10.45 -5.27
N LYS A 535 -33.20 -9.38 -6.11
CA LYS A 535 -32.93 -8.01 -5.69
C LYS A 535 -34.12 -7.43 -4.90
N ASP A 536 -35.35 -7.57 -5.43
CA ASP A 536 -36.57 -7.08 -4.79
C ASP A 536 -36.78 -7.73 -3.42
N LEU A 537 -36.45 -9.04 -3.31
CA LEU A 537 -36.57 -9.81 -2.06
C LEU A 537 -35.60 -9.28 -1.00
N VAL A 538 -34.34 -8.97 -1.38
CA VAL A 538 -33.33 -8.38 -0.49
C VAL A 538 -33.83 -6.99 -0.04
N TRP A 539 -34.27 -6.14 -0.99
CA TRP A 539 -34.79 -4.79 -0.67
C TRP A 539 -36.04 -4.83 0.24
N LYS A 540 -37.01 -5.73 -0.04
CA LYS A 540 -38.22 -5.88 0.78
C LYS A 540 -37.85 -6.30 2.20
N MET A 541 -36.90 -7.25 2.30
CA MET A 541 -36.44 -7.79 3.57
C MET A 541 -35.24 -7.05 4.18
N ARG A 542 -35.07 -5.75 3.88
CA ARG A 542 -33.94 -4.91 4.35
C ARG A 542 -33.83 -4.76 5.89
N HIS A 543 -34.98 -4.77 6.62
CA HIS A 543 -34.99 -4.67 8.09
C HIS A 543 -34.39 -5.95 8.70
N GLU A 544 -34.69 -7.10 8.07
CA GLU A 544 -34.20 -8.42 8.46
C GLU A 544 -32.71 -8.56 8.13
N VAL A 545 -32.26 -7.85 7.06
CA VAL A 545 -30.85 -7.78 6.68
C VAL A 545 -30.09 -7.11 7.85
N GLN A 546 -30.59 -5.95 8.33
CA GLN A 546 -30.02 -5.19 9.43
C GLN A 546 -29.96 -5.98 10.75
N GLU A 547 -31.10 -6.58 11.14
CA GLU A 547 -31.23 -7.30 12.41
C GLU A 547 -30.60 -8.70 12.46
N HIS A 548 -30.60 -9.47 11.35
CA HIS A 548 -30.06 -10.84 11.40
C HIS A 548 -28.85 -11.12 10.50
N PHE A 549 -28.62 -10.31 9.45
CA PHE A 549 -27.45 -10.49 8.58
C PHE A 549 -26.67 -9.16 8.43
N PRO A 550 -26.24 -8.45 9.52
CA PRO A 550 -25.57 -7.14 9.34
C PRO A 550 -24.31 -7.12 8.46
N GLU A 551 -23.63 -8.28 8.25
CA GLU A 551 -22.44 -8.31 7.39
C GLU A 551 -22.78 -8.30 5.89
N ALA A 552 -24.09 -8.38 5.57
CA ALA A 552 -24.60 -8.39 4.21
C ALA A 552 -24.99 -6.97 3.78
N LEU A 553 -24.51 -5.95 4.53
CA LEU A 553 -24.76 -4.53 4.25
C LEU A 553 -24.36 -4.18 2.83
N ALA A 554 -23.19 -4.65 2.35
CA ALA A 554 -22.74 -4.33 0.98
C ALA A 554 -23.77 -4.82 -0.08
N ARG A 555 -24.31 -6.07 0.05
CA ARG A 555 -25.32 -6.61 -0.88
C ARG A 555 -26.57 -5.72 -0.92
N LEU A 556 -27.02 -5.23 0.27
CA LEU A 556 -28.19 -4.35 0.41
C LEU A 556 -27.95 -3.00 -0.27
N LEU A 557 -26.74 -2.45 -0.13
CA LEU A 557 -26.40 -1.17 -0.76
C LEU A 557 -26.40 -1.29 -2.29
N LEU A 558 -26.03 -2.48 -2.83
CA LEU A 558 -25.99 -2.73 -4.28
C LEU A 558 -27.38 -2.98 -4.89
N VAL A 559 -28.40 -3.25 -4.07
CA VAL A 559 -29.76 -3.45 -4.58
C VAL A 559 -30.57 -2.16 -4.46
N THR A 560 -30.10 -1.21 -3.61
CA THR A 560 -30.73 0.10 -3.37
C THR A 560 -30.73 0.90 -4.67
N LYS A 561 -31.87 1.52 -4.97
CA LYS A 561 -32.07 2.38 -6.14
C LYS A 561 -31.60 3.78 -5.75
N TRP A 562 -30.36 4.11 -6.12
CA TRP A 562 -29.71 5.38 -5.78
C TRP A 562 -30.26 6.57 -6.57
N ASN A 563 -31.11 6.27 -7.55
CA ASN A 563 -31.78 7.25 -8.41
C ASN A 563 -33.23 7.52 -7.95
N LYS A 564 -33.59 7.15 -6.71
CA LYS A 564 -34.92 7.38 -6.10
C LYS A 564 -34.66 7.87 -4.67
N HIS A 565 -34.98 9.13 -4.36
CA HIS A 565 -34.69 9.75 -3.06
C HIS A 565 -35.35 9.05 -1.84
N GLU A 566 -36.57 8.47 -2.01
CA GLU A 566 -37.27 7.79 -0.92
C GLU A 566 -36.54 6.50 -0.54
N ASP A 567 -36.07 5.73 -1.55
CA ASP A 567 -35.30 4.49 -1.35
C ASP A 567 -33.99 4.76 -0.66
N VAL A 568 -33.29 5.88 -1.03
CA VAL A 568 -32.02 6.31 -0.44
C VAL A 568 -32.25 6.70 1.02
N ALA A 569 -33.30 7.49 1.32
CA ALA A 569 -33.65 7.87 2.69
C ALA A 569 -33.94 6.64 3.57
N GLN A 570 -34.63 5.61 3.02
CA GLN A 570 -34.93 4.35 3.75
C GLN A 570 -33.65 3.56 4.00
N MET A 571 -32.74 3.50 3.01
CA MET A 571 -31.43 2.85 3.16
C MET A 571 -30.62 3.62 4.21
N LEU A 572 -30.54 4.97 4.08
CA LEU A 572 -29.79 5.80 5.03
C LEU A 572 -30.30 5.67 6.49
N TYR A 573 -31.64 5.51 6.69
CA TYR A 573 -32.23 5.34 8.03
C TYR A 573 -31.68 4.09 8.76
N LEU A 574 -31.55 2.97 8.01
CA LEU A 574 -31.05 1.69 8.48
C LEU A 574 -29.57 1.73 8.70
N LEU A 575 -28.83 2.42 7.81
CA LEU A 575 -27.39 2.53 7.93
C LEU A 575 -27.04 3.31 9.19
N CYS A 576 -27.84 4.34 9.53
CA CYS A 576 -27.57 5.17 10.70
C CYS A 576 -27.75 4.42 12.06
N SER A 577 -28.34 3.21 12.06
CA SER A 577 -28.40 2.39 13.28
C SER A 577 -27.80 0.99 13.04
N TRP A 578 -27.00 0.87 11.95
CA TRP A 578 -26.35 -0.39 11.57
C TRP A 578 -25.20 -0.74 12.56
N PRO A 579 -25.07 -1.98 13.08
CA PRO A 579 -23.93 -2.26 13.96
C PRO A 579 -22.59 -2.15 13.22
N GLU A 580 -21.52 -1.79 13.96
CA GLU A 580 -20.18 -1.72 13.40
C GLU A 580 -19.83 -3.10 12.85
N LEU A 581 -19.17 -3.10 11.71
CA LEU A 581 -18.86 -4.33 11.02
C LEU A 581 -17.38 -4.71 11.18
N PRO A 582 -16.98 -5.99 10.93
CA PRO A 582 -15.54 -6.31 11.01
C PRO A 582 -14.72 -5.52 9.97
N VAL A 583 -13.40 -5.46 10.20
CA VAL A 583 -12.46 -4.75 9.33
C VAL A 583 -12.58 -5.26 7.88
N LEU A 584 -12.70 -6.60 7.72
CA LEU A 584 -12.84 -7.21 6.39
C LEU A 584 -14.02 -6.60 5.63
N SER A 585 -15.21 -6.50 6.27
CA SER A 585 -16.38 -5.91 5.65
C SER A 585 -16.15 -4.44 5.33
N ALA A 586 -15.54 -3.68 6.25
CA ALA A 586 -15.28 -2.24 6.07
C ALA A 586 -14.38 -1.95 4.87
N LEU A 587 -13.41 -2.85 4.59
CA LEU A 587 -12.50 -2.74 3.45
C LEU A 587 -13.24 -2.80 2.13
N GLU A 588 -14.24 -3.71 2.04
CA GLU A 588 -15.08 -3.87 0.87
C GLU A 588 -15.89 -2.59 0.63
N LEU A 589 -16.38 -1.94 1.70
CA LEU A 589 -17.20 -0.74 1.63
C LEU A 589 -16.44 0.51 1.16
N LEU A 590 -15.10 0.47 1.14
CA LEU A 590 -14.29 1.60 0.65
C LEU A 590 -14.17 1.58 -0.86
N ASP A 591 -14.69 0.55 -1.51
CA ASP A 591 -14.58 0.50 -2.98
C ASP A 591 -15.48 1.56 -3.63
N PHE A 592 -15.14 1.99 -4.87
CA PHE A 592 -15.90 2.98 -5.63
C PHE A 592 -17.33 2.51 -5.93
N SER A 593 -17.61 1.21 -5.74
CA SER A 593 -18.92 0.58 -5.87
C SER A 593 -19.85 1.02 -4.70
N PHE A 594 -19.30 1.74 -3.68
CA PHE A 594 -20.08 2.26 -2.54
C PHE A 594 -19.77 3.76 -2.45
N PRO A 595 -20.23 4.57 -3.44
CA PRO A 595 -19.84 5.99 -3.47
C PRO A 595 -20.52 6.94 -2.49
N ASP A 596 -21.64 6.54 -1.84
CA ASP A 596 -22.31 7.45 -0.92
C ASP A 596 -21.40 7.89 0.25
N CYS A 597 -21.50 9.17 0.66
CA CYS A 597 -20.71 9.76 1.73
C CYS A 597 -21.01 9.19 3.11
N TYR A 598 -22.26 8.79 3.37
CA TYR A 598 -22.60 8.20 4.67
C TYR A 598 -22.07 6.76 4.78
N VAL A 599 -22.06 6.03 3.64
CA VAL A 599 -21.52 4.67 3.53
C VAL A 599 -19.99 4.78 3.77
N GLY A 600 -19.36 5.78 3.15
CA GLY A 600 -17.93 6.05 3.32
C GLY A 600 -17.58 6.36 4.77
N SER A 601 -18.42 7.19 5.42
CA SER A 601 -18.29 7.59 6.83
C SER A 601 -18.44 6.37 7.74
N PHE A 602 -19.42 5.50 7.44
CA PHE A 602 -19.66 4.26 8.18
C PHE A 602 -18.48 3.31 8.04
N ALA A 603 -17.89 3.20 6.82
CA ALA A 603 -16.74 2.31 6.58
C ALA A 603 -15.54 2.73 7.43
N ILE A 604 -15.29 4.06 7.57
CA ILE A 604 -14.18 4.61 8.40
C ILE A 604 -14.41 4.29 9.88
N LYS A 605 -15.67 4.43 10.33
CA LYS A 605 -16.10 4.15 11.71
C LYS A 605 -15.79 2.70 12.09
N SER A 606 -16.07 1.74 11.17
CA SER A 606 -15.74 0.32 11.40
C SER A 606 -14.23 0.01 11.26
N LEU A 607 -13.44 0.91 10.61
CA LEU A 607 -11.98 0.78 10.48
C LEU A 607 -11.19 1.42 11.61
N ARG A 608 -11.84 2.21 12.48
CA ARG A 608 -11.13 2.83 13.60
C ARG A 608 -10.47 1.82 14.54
N LYS A 609 -11.00 0.59 14.56
CA LYS A 609 -10.50 -0.50 15.40
C LYS A 609 -9.27 -1.19 14.79
N LEU A 610 -8.85 -0.82 13.55
CA LEU A 610 -7.63 -1.37 12.92
C LEU A 610 -6.47 -1.13 13.88
N THR A 611 -5.64 -2.16 14.13
CA THR A 611 -4.45 -2.00 14.96
C THR A 611 -3.44 -1.19 14.10
N ASP A 612 -2.37 -0.65 14.68
CA ASP A 612 -1.36 0.04 13.89
C ASP A 612 -0.71 -0.94 12.90
N ASP A 613 -0.56 -2.22 13.30
CA ASP A 613 -0.01 -3.25 12.41
C ASP A 613 -0.93 -3.57 11.22
N GLU A 614 -2.25 -3.64 11.45
CA GLU A 614 -3.21 -3.91 10.38
C GLU A 614 -3.28 -2.73 9.48
N LEU A 615 -3.24 -1.52 10.04
CA LEU A 615 -3.28 -0.28 9.23
C LEU A 615 -2.06 -0.16 8.32
N PHE A 616 -0.88 -0.43 8.88
CA PHE A 616 0.36 -0.39 8.13
C PHE A 616 0.27 -1.39 6.96
N GLN A 617 -0.29 -2.58 7.24
CA GLN A 617 -0.47 -3.63 6.23
C GLN A 617 -1.35 -3.15 5.03
N TYR A 618 -2.40 -2.37 5.31
CA TYR A 618 -3.33 -1.93 4.26
C TYR A 618 -3.20 -0.48 3.83
N LEU A 619 -2.17 0.21 4.30
CA LEU A 619 -1.95 1.64 4.02
C LEU A 619 -1.88 1.98 2.55
N LEU A 620 -1.15 1.16 1.78
CA LEU A 620 -1.03 1.36 0.34
C LEU A 620 -2.41 1.41 -0.32
N GLN A 621 -3.33 0.52 0.06
CA GLN A 621 -4.67 0.48 -0.52
C GLN A 621 -5.49 1.69 -0.07
N LEU A 622 -5.43 2.02 1.25
CA LEU A 622 -6.12 3.21 1.79
C LEU A 622 -5.69 4.50 1.08
N VAL A 623 -4.38 4.62 0.75
CA VAL A 623 -3.89 5.79 0.01
C VAL A 623 -4.48 5.81 -1.41
N GLN A 624 -4.58 4.63 -2.09
CA GLN A 624 -5.17 4.57 -3.46
C GLN A 624 -6.63 5.02 -3.46
N VAL A 625 -7.37 4.66 -2.40
CA VAL A 625 -8.80 5.02 -2.19
C VAL A 625 -8.99 6.55 -2.23
N LEU A 626 -7.95 7.35 -1.84
CA LEU A 626 -7.99 8.83 -1.86
C LEU A 626 -8.32 9.36 -3.24
N LYS A 627 -7.84 8.65 -4.28
CA LYS A 627 -8.07 8.96 -5.70
C LYS A 627 -9.55 8.79 -6.11
N TYR A 628 -10.36 8.09 -5.30
CA TYR A 628 -11.80 7.94 -5.55
C TYR A 628 -12.60 9.07 -4.86
N GLU A 629 -12.00 9.78 -3.87
CA GLU A 629 -12.70 10.84 -3.13
C GLU A 629 -13.15 11.97 -4.04
N SER A 630 -14.34 12.49 -3.78
CA SER A 630 -14.97 13.54 -4.58
C SER A 630 -14.61 14.90 -4.07
N TYR A 631 -14.26 14.96 -2.77
CA TYR A 631 -13.90 16.23 -2.12
C TYR A 631 -12.58 16.11 -1.38
N LEU A 632 -11.95 17.24 -1.10
CA LEU A 632 -10.65 17.28 -0.42
C LEU A 632 -10.79 16.91 1.04
N ASP A 633 -11.69 17.61 1.77
CA ASP A 633 -11.94 17.35 3.18
C ASP A 633 -12.85 16.11 3.27
N CYS A 634 -12.31 15.00 3.73
CA CYS A 634 -13.08 13.76 3.82
C CYS A 634 -12.66 12.98 5.04
N GLU A 635 -13.53 12.08 5.53
CA GLU A 635 -13.26 11.26 6.70
C GLU A 635 -12.02 10.40 6.54
N LEU A 636 -11.79 9.82 5.33
CA LEU A 636 -10.60 9.00 5.11
C LEU A 636 -9.29 9.85 5.26
N THR A 637 -9.26 11.09 4.76
CA THR A 637 -8.07 11.94 4.89
C THR A 637 -7.77 12.23 6.37
N LYS A 638 -8.79 12.60 7.12
CA LYS A 638 -8.68 12.88 8.54
C LYS A 638 -8.29 11.63 9.31
N PHE A 639 -8.86 10.46 8.93
CA PHE A 639 -8.49 9.19 9.58
C PHE A 639 -6.98 8.89 9.37
N LEU A 640 -6.51 8.95 8.13
CA LEU A 640 -5.12 8.69 7.76
C LEU A 640 -4.17 9.71 8.43
N LEU A 641 -4.54 11.03 8.46
CA LEU A 641 -3.71 12.07 9.10
C LEU A 641 -3.57 11.85 10.61
N GLY A 642 -4.67 11.54 11.31
CA GLY A 642 -4.70 11.27 12.75
C GLY A 642 -3.92 10.01 13.14
N ARG A 643 -4.00 8.97 12.32
CA ARG A 643 -3.24 7.76 12.58
C ARG A 643 -1.72 7.96 12.33
N ALA A 644 -1.39 8.77 11.32
CA ALA A 644 -0.02 9.10 10.92
C ALA A 644 0.66 9.97 11.97
N LEU A 645 -0.09 10.89 12.60
CA LEU A 645 0.47 11.75 13.62
C LEU A 645 0.61 11.06 14.96
N ALA A 646 -0.11 9.95 15.17
CA ALA A 646 -0.07 9.10 16.36
C ALA A 646 0.98 7.94 16.28
N ASN A 647 1.54 7.63 15.07
CA ASN A 647 2.54 6.58 14.86
C ASN A 647 3.52 7.06 13.75
N ARG A 648 4.77 7.32 14.14
CA ARG A 648 5.84 7.83 13.27
C ARG A 648 6.13 6.95 12.03
N LYS A 649 6.02 5.62 12.16
CA LYS A 649 6.24 4.71 11.04
C LYS A 649 5.06 4.86 10.05
N ILE A 650 3.80 4.93 10.55
CA ILE A 650 2.63 5.16 9.66
C ILE A 650 2.85 6.52 8.92
N GLY A 651 3.23 7.55 9.69
CA GLY A 651 3.52 8.89 9.16
C GLY A 651 4.57 8.84 8.05
N HIS A 652 5.65 8.09 8.29
CA HIS A 652 6.75 7.88 7.33
C HIS A 652 6.24 7.31 5.98
N PHE A 653 5.52 6.21 6.02
CA PHE A 653 5.02 5.58 4.82
C PHE A 653 3.86 6.34 4.17
N LEU A 654 3.03 7.05 4.94
CA LEU A 654 1.98 7.87 4.35
C LEU A 654 2.64 8.95 3.51
N PHE A 655 3.64 9.66 4.10
CA PHE A 655 4.34 10.70 3.36
C PHE A 655 4.90 10.16 2.04
N TRP A 656 5.65 9.03 2.08
CA TRP A 656 6.29 8.51 0.85
C TRP A 656 5.29 8.04 -0.22
N HIS A 657 4.17 7.42 0.16
CA HIS A 657 3.15 7.02 -0.85
C HIS A 657 2.51 8.26 -1.51
N LEU A 658 2.42 9.37 -0.78
CA LEU A 658 1.87 10.62 -1.33
C LEU A 658 2.92 11.30 -2.21
N ARG A 659 4.14 11.39 -1.69
CA ARG A 659 5.25 12.08 -2.33
C ARG A 659 5.62 11.46 -3.64
N SER A 660 5.62 10.12 -3.68
CA SER A 660 6.02 9.40 -4.88
C SER A 660 5.05 9.62 -6.08
N GLU A 661 3.88 10.26 -5.83
CA GLU A 661 2.89 10.52 -6.89
C GLU A 661 2.68 11.99 -7.21
N MET A 662 3.54 12.89 -6.68
CA MET A 662 3.42 14.33 -6.92
C MET A 662 3.60 14.75 -8.39
N HIS A 663 4.21 13.86 -9.21
CA HIS A 663 4.43 14.11 -10.64
C HIS A 663 3.16 13.79 -11.47
N VAL A 664 2.12 13.22 -10.85
CA VAL A 664 0.85 12.85 -11.47
C VAL A 664 -0.11 14.04 -11.28
N PRO A 665 -0.43 14.79 -12.36
CA PRO A 665 -1.29 15.99 -12.23
C PRO A 665 -2.63 15.82 -11.54
N SER A 666 -3.30 14.67 -11.72
CA SER A 666 -4.62 14.44 -11.12
C SER A 666 -4.59 14.32 -9.60
N VAL A 667 -3.42 14.02 -8.99
CA VAL A 667 -3.37 13.87 -7.54
C VAL A 667 -2.49 14.90 -6.85
N ALA A 668 -1.64 15.64 -7.61
CA ALA A 668 -0.65 16.57 -7.04
C ALA A 668 -1.24 17.53 -6.02
N LEU A 669 -2.46 18.08 -6.32
CA LEU A 669 -3.10 19.01 -5.40
C LEU A 669 -3.56 18.34 -4.11
N ARG A 670 -4.38 17.27 -4.21
CA ARG A 670 -4.84 16.53 -3.05
C ARG A 670 -3.64 16.03 -2.20
N PHE A 671 -2.68 15.36 -2.85
CA PHE A 671 -1.53 14.77 -2.16
C PHE A 671 -0.61 15.85 -1.56
N GLY A 672 -0.41 16.93 -2.30
CA GLY A 672 0.34 18.08 -1.83
C GLY A 672 -0.25 18.68 -0.56
N LEU A 673 -1.59 18.82 -0.51
CA LEU A 673 -2.34 19.38 0.63
C LEU A 673 -2.27 18.52 1.88
N ILE A 674 -2.40 17.18 1.73
CA ILE A 674 -2.28 16.21 2.84
C ILE A 674 -0.85 16.29 3.45
N MET A 675 0.19 16.37 2.60
CA MET A 675 1.59 16.41 3.05
C MET A 675 1.91 17.71 3.79
N GLU A 676 1.34 18.83 3.34
CA GLU A 676 1.49 20.12 4.04
C GLU A 676 0.89 19.99 5.44
N ALA A 677 -0.35 19.45 5.55
CA ALA A 677 -1.07 19.23 6.80
C ALA A 677 -0.25 18.34 7.73
N TYR A 678 0.28 17.21 7.22
CA TYR A 678 1.10 16.32 8.03
C TYR A 678 2.32 17.08 8.63
N CYS A 679 3.01 17.87 7.79
CA CYS A 679 4.18 18.67 8.18
C CYS A 679 3.85 19.67 9.28
N ARG A 680 2.63 20.23 9.30
CA ARG A 680 2.14 21.13 10.35
C ARG A 680 2.06 20.40 11.70
N GLY A 681 1.75 19.11 11.63
CA GLY A 681 1.64 18.24 12.78
C GLY A 681 2.96 17.69 13.30
N SER A 682 4.07 17.78 12.51
CA SER A 682 5.43 17.32 12.94
C SER A 682 6.57 17.95 12.16
N THR A 683 7.02 19.10 12.65
CA THR A 683 8.12 19.90 12.14
C THR A 683 9.39 19.10 12.13
N HIS A 684 9.66 18.35 13.20
CA HIS A 684 10.85 17.52 13.31
C HIS A 684 10.88 16.40 12.25
N HIS A 685 9.76 15.69 12.05
CA HIS A 685 9.68 14.62 11.03
C HIS A 685 9.80 15.20 9.61
N MET A 686 9.35 16.44 9.38
CA MET A 686 9.54 17.12 8.09
C MET A 686 11.06 17.26 7.76
N LYS A 687 11.87 17.66 8.75
CA LYS A 687 13.32 17.81 8.60
C LYS A 687 14.03 16.45 8.39
N VAL A 688 13.54 15.40 9.10
CA VAL A 688 14.03 14.02 8.94
C VAL A 688 13.78 13.54 7.50
N LEU A 689 12.57 13.79 6.99
CA LEU A 689 12.17 13.41 5.62
C LEU A 689 12.91 14.27 4.60
N MET A 690 13.23 15.55 4.92
CA MET A 690 13.97 16.40 4.00
C MET A 690 15.37 15.85 3.78
N LYS A 691 15.99 15.35 4.85
CA LYS A 691 17.31 14.73 4.80
C LYS A 691 17.25 13.46 3.90
N GLN A 692 16.16 12.68 3.96
CA GLN A 692 16.00 11.55 3.04
C GLN A 692 15.87 12.08 1.58
N GLY A 693 15.10 13.15 1.37
CA GLY A 693 14.92 13.75 0.05
C GLY A 693 16.22 14.29 -0.53
N GLU A 694 17.11 14.83 0.33
CA GLU A 694 18.43 15.36 -0.07
C GLU A 694 19.31 14.22 -0.57
N ALA A 695 19.27 13.07 0.13
CA ALA A 695 20.04 11.89 -0.24
C ALA A 695 19.53 11.35 -1.59
N LEU A 696 18.20 11.30 -1.79
CA LEU A 696 17.59 10.81 -3.04
C LEU A 696 17.90 11.68 -4.23
N SER A 697 18.00 13.01 -3.99
CA SER A 697 18.34 13.97 -5.03
C SER A 697 19.79 13.72 -5.47
N LYS A 698 20.71 13.47 -4.50
CA LYS A 698 22.12 13.15 -4.82
C LYS A 698 22.25 11.82 -5.59
N LEU A 699 21.46 10.81 -5.19
CA LEU A 699 21.46 9.48 -5.83
C LEU A 699 21.01 9.58 -7.29
N LYS A 700 20.05 10.46 -7.56
CA LYS A 700 19.53 10.72 -8.90
C LYS A 700 20.64 11.32 -9.76
N ALA A 701 21.34 12.36 -9.23
CA ALA A 701 22.43 13.01 -9.98
C ALA A 701 23.55 11.97 -10.22
N LEU A 702 23.92 11.20 -9.18
CA LEU A 702 24.93 10.14 -9.26
C LEU A 702 24.55 9.09 -10.29
N ASN A 703 23.27 8.63 -10.31
CA ASN A 703 22.79 7.61 -11.26
C ASN A 703 22.79 8.12 -12.70
N ASP A 704 22.45 9.41 -12.93
CA ASP A 704 22.49 10.03 -14.27
C ASP A 704 23.91 9.98 -14.81
N PHE A 705 24.89 10.28 -13.95
CA PHE A 705 26.29 10.21 -14.31
C PHE A 705 26.67 8.78 -14.76
N VAL A 706 26.26 7.78 -13.97
CA VAL A 706 26.57 6.38 -14.21
C VAL A 706 25.96 5.91 -15.54
N LYS A 707 24.68 6.25 -15.81
CA LYS A 707 24.03 5.84 -17.05
C LYS A 707 24.82 6.29 -18.28
N VAL A 708 25.36 7.54 -18.23
CA VAL A 708 26.17 8.20 -19.28
C VAL A 708 27.56 7.58 -19.38
N SER A 709 28.26 7.47 -18.24
CA SER A 709 29.61 6.89 -18.20
C SER A 709 29.66 5.42 -18.63
N SER A 710 28.57 4.67 -18.41
CA SER A 710 28.48 3.24 -18.73
C SER A 710 28.45 2.97 -20.24
N GLN A 711 28.06 3.96 -21.05
CA GLN A 711 28.04 3.82 -22.52
C GLN A 711 29.38 4.27 -23.16
N LYS A 712 30.30 4.81 -22.35
CA LYS A 712 31.56 5.39 -22.83
C LYS A 712 32.83 4.69 -22.37
N THR A 713 32.83 4.07 -21.18
CA THR A 713 34.06 3.47 -20.69
C THR A 713 33.81 2.12 -20.01
N THR A 714 34.85 1.49 -19.42
CA THR A 714 34.73 0.19 -18.77
C THR A 714 34.08 0.31 -17.36
N LYS A 715 33.44 -0.78 -16.86
CA LYS A 715 32.86 -0.79 -15.51
C LYS A 715 33.90 -0.38 -14.46
N PRO A 716 35.19 -0.84 -14.48
CA PRO A 716 36.16 -0.36 -13.47
C PRO A 716 36.36 1.15 -13.50
N GLN A 717 36.24 1.77 -14.68
CA GLN A 717 36.37 3.22 -14.82
C GLN A 717 35.14 3.99 -14.34
N THR A 718 33.92 3.55 -14.75
CA THR A 718 32.67 4.18 -14.30
C THR A 718 32.60 4.07 -12.76
N LYS A 719 32.95 2.89 -12.21
CA LYS A 719 32.96 2.60 -10.76
C LYS A 719 33.92 3.53 -10.01
N GLU A 720 35.13 3.75 -10.55
CA GLU A 720 36.08 4.67 -9.92
C GLU A 720 35.61 6.11 -9.95
N MET A 721 34.96 6.53 -11.05
CA MET A 721 34.43 7.88 -11.20
C MET A 721 33.22 8.08 -10.25
N MET A 722 32.38 7.05 -10.11
CA MET A 722 31.26 7.04 -9.18
C MET A 722 31.78 7.32 -7.74
N HIS A 723 32.82 6.60 -7.31
CA HIS A 723 33.45 6.72 -6.00
C HIS A 723 34.01 8.10 -5.78
N MET A 724 34.71 8.64 -6.80
CA MET A 724 35.27 9.99 -6.75
C MET A 724 34.14 11.01 -6.52
N CYS A 725 33.02 10.88 -7.27
CA CYS A 725 31.87 11.76 -7.10
C CYS A 725 31.27 11.62 -5.69
N MET A 726 31.15 10.37 -5.16
CA MET A 726 30.62 10.16 -3.80
C MET A 726 31.50 10.71 -2.71
N ARG A 727 32.82 10.77 -2.95
CA ARG A 727 33.77 11.28 -1.96
C ARG A 727 33.77 12.83 -1.85
N GLN A 728 32.99 13.52 -2.70
CA GLN A 728 32.83 14.99 -2.61
C GLN A 728 32.09 15.26 -1.29
N GLU A 729 32.43 16.39 -0.62
CA GLU A 729 31.87 16.77 0.68
C GLU A 729 30.36 16.83 0.68
N THR A 730 29.76 17.46 -0.35
CA THR A 730 28.30 17.56 -0.48
C THR A 730 27.65 16.19 -0.59
N TYR A 731 28.31 15.22 -1.27
CA TYR A 731 27.76 13.87 -1.39
C TYR A 731 27.95 13.08 -0.09
N MET A 732 29.14 13.16 0.53
CA MET A 732 29.40 12.45 1.79
C MET A 732 28.40 12.94 2.84
N GLU A 733 28.15 14.25 2.89
CA GLU A 733 27.19 14.83 3.83
C GLU A 733 25.73 14.41 3.54
N ALA A 734 25.27 14.56 2.30
CA ALA A 734 23.89 14.23 1.94
C ALA A 734 23.59 12.74 1.99
N LEU A 735 24.53 11.88 1.62
CA LEU A 735 24.26 10.44 1.62
C LEU A 735 24.43 9.76 2.97
N SER A 736 24.98 10.43 3.97
CA SER A 736 25.19 9.77 5.27
C SER A 736 24.22 10.25 6.36
N HIS A 737 24.02 9.43 7.41
CA HIS A 737 23.26 9.71 8.64
C HIS A 737 21.81 10.02 8.36
N LEU A 738 21.12 9.08 7.74
CA LEU A 738 19.70 9.24 7.49
C LEU A 738 18.97 7.99 7.91
N GLN A 739 17.66 8.12 8.09
CA GLN A 739 16.77 7.01 8.34
C GLN A 739 16.47 6.48 6.97
N SER A 740 16.42 5.16 6.85
CA SER A 740 16.11 4.62 5.53
C SER A 740 14.68 4.90 5.12
N PRO A 741 14.44 5.35 3.88
CA PRO A 741 13.05 5.52 3.40
C PRO A 741 12.35 4.16 3.34
N LEU A 742 13.12 3.06 3.16
CA LEU A 742 12.52 1.71 3.12
C LEU A 742 12.04 1.23 4.49
N ASP A 743 12.67 1.71 5.57
CA ASP A 743 12.36 1.27 6.93
C ASP A 743 12.94 2.32 7.87
N PRO A 744 12.10 3.19 8.49
CA PRO A 744 12.65 4.23 9.35
C PRO A 744 13.36 3.70 10.61
N SER A 745 13.21 2.42 10.94
CA SER A 745 13.92 1.75 12.06
C SER A 745 15.39 1.55 11.69
N THR A 746 15.68 1.44 10.37
CA THR A 746 17.02 1.24 9.85
C THR A 746 17.69 2.60 9.67
N LEU A 747 18.87 2.72 10.28
CA LEU A 747 19.72 3.89 10.20
C LEU A 747 20.83 3.60 9.20
N LEU A 748 21.00 4.53 8.25
CA LEU A 748 22.02 4.44 7.23
C LEU A 748 23.07 5.43 7.73
N GLU A 749 24.12 4.92 8.36
CA GLU A 749 25.08 5.82 8.98
C GLU A 749 26.19 6.27 8.03
N GLU A 750 27.31 5.54 7.97
CA GLU A 750 28.45 5.93 7.13
C GLU A 750 28.34 5.23 5.81
N VAL A 751 28.30 5.99 4.71
CA VAL A 751 28.29 5.43 3.36
C VAL A 751 29.65 4.79 3.16
N CYS A 752 29.70 3.50 2.74
CA CYS A 752 30.96 2.77 2.52
C CYS A 752 31.23 2.80 1.06
N VAL A 753 31.80 3.91 0.58
CA VAL A 753 32.09 4.23 -0.82
C VAL A 753 32.78 3.05 -1.58
N GLU A 754 33.80 2.46 -0.98
CA GLU A 754 34.53 1.36 -1.59
C GLU A 754 33.64 0.17 -1.97
N GLN A 755 32.59 -0.07 -1.18
CA GLN A 755 31.62 -1.14 -1.38
C GLN A 755 30.47 -0.72 -2.29
N CYS A 756 30.45 0.53 -2.80
CA CYS A 756 29.31 0.94 -3.63
C CYS A 756 29.59 0.62 -5.07
N THR A 757 28.58 0.24 -5.80
CA THR A 757 28.75 -0.05 -7.22
C THR A 757 27.41 0.22 -7.91
N PHE A 758 27.25 -0.28 -9.12
CA PHE A 758 26.02 -0.19 -9.90
C PHE A 758 25.79 -1.55 -10.58
N MET A 759 24.53 -1.90 -10.92
CA MET A 759 24.20 -3.19 -11.53
C MET A 759 24.19 -3.05 -13.02
N ASP A 760 24.52 -4.14 -13.74
CA ASP A 760 24.67 -4.16 -15.21
C ASP A 760 23.37 -4.09 -16.02
N SER A 761 22.21 -4.06 -15.36
CA SER A 761 20.91 -3.98 -16.03
C SER A 761 20.66 -2.61 -16.73
N LYS A 762 19.58 -2.52 -17.54
CA LYS A 762 19.17 -1.37 -18.36
C LYS A 762 19.36 0.02 -17.71
N MET A 763 18.75 0.23 -16.54
CA MET A 763 18.78 1.50 -15.81
C MET A 763 20.04 1.71 -14.97
N LYS A 764 20.99 0.76 -15.02
CA LYS A 764 22.25 0.84 -14.23
C LYS A 764 21.94 1.22 -12.73
N PRO A 765 21.06 0.48 -12.01
CA PRO A 765 20.75 0.89 -10.64
C PRO A 765 21.95 0.89 -9.72
N LEU A 766 21.98 1.82 -8.79
CA LEU A 766 23.07 1.99 -7.84
C LEU A 766 22.96 1.03 -6.66
N TRP A 767 24.08 0.46 -6.23
CA TRP A 767 24.14 -0.48 -5.09
C TRP A 767 24.95 0.29 -4.05
N ILE A 768 24.27 0.80 -2.99
CA ILE A 768 24.89 1.70 -1.99
C ILE A 768 24.96 1.02 -0.64
N MET A 769 26.16 0.88 -0.09
CA MET A 769 26.39 0.22 1.20
C MET A 769 26.69 1.21 2.31
N TYR A 770 26.26 0.86 3.51
CA TYR A 770 26.43 1.63 4.72
C TYR A 770 27.02 0.74 5.82
N SER A 771 27.68 1.35 6.81
CA SER A 771 28.17 0.69 8.01
C SER A 771 27.89 1.61 9.19
N SER A 772 27.86 1.03 10.38
CA SER A 772 27.59 1.75 11.62
C SER A 772 28.36 1.04 12.72
N GLU A 773 29.30 1.74 13.34
CA GLU A 773 30.10 1.22 14.45
C GLU A 773 29.15 0.89 15.64
N GLU A 774 28.14 1.75 15.90
CA GLU A 774 27.21 1.54 17.01
C GLU A 774 26.28 0.32 16.85
N ALA A 775 25.96 -0.06 15.62
CA ALA A 775 25.09 -1.20 15.34
C ALA A 775 25.82 -2.51 15.11
N GLY A 776 27.15 -2.47 14.97
CA GLY A 776 27.97 -3.65 14.65
C GLY A 776 27.56 -4.24 13.32
N SER A 777 27.40 -5.58 13.25
CA SER A 777 26.98 -6.31 12.03
C SER A 777 25.63 -5.92 11.47
N ALA A 778 24.69 -5.53 12.35
CA ALA A 778 23.34 -5.11 11.97
C ALA A 778 23.32 -3.77 11.19
N GLY A 779 24.38 -2.97 11.38
CA GLY A 779 24.57 -1.67 10.73
C GLY A 779 25.03 -1.77 9.29
N ASN A 780 25.49 -2.97 8.87
CA ASN A 780 25.96 -3.27 7.52
C ASN A 780 24.74 -3.56 6.68
N VAL A 781 24.23 -2.51 6.03
CA VAL A 781 22.99 -2.55 5.26
C VAL A 781 23.21 -1.80 3.95
N GLY A 782 22.42 -2.13 2.95
CA GLY A 782 22.52 -1.46 1.67
C GLY A 782 21.16 -1.13 1.08
N ILE A 783 21.18 -0.23 0.10
CA ILE A 783 19.98 0.17 -0.63
C ILE A 783 20.32 0.18 -2.08
N ILE A 784 19.33 -0.16 -2.89
CA ILE A 784 19.48 -0.10 -4.34
C ILE A 784 18.62 1.07 -4.80
N PHE A 785 19.24 2.01 -5.53
CA PHE A 785 18.50 3.15 -6.05
C PHE A 785 18.26 2.86 -7.53
N LYS A 786 16.99 2.92 -7.97
CA LYS A 786 16.67 2.66 -9.37
C LYS A 786 15.83 3.79 -9.95
N ASN A 787 16.25 4.27 -11.13
CA ASN A 787 15.54 5.34 -11.80
C ASN A 787 15.34 5.02 -13.29
N GLY A 788 14.09 5.15 -13.75
CA GLY A 788 13.72 4.86 -15.13
C GLY A 788 12.61 3.83 -15.24
N ASP A 789 12.35 3.11 -14.14
CA ASP A 789 11.30 2.09 -14.07
C ASP A 789 10.27 2.43 -13.00
N ASP A 790 9.01 2.09 -13.25
CA ASP A 790 7.96 2.34 -12.30
C ASP A 790 7.99 1.14 -11.33
N LEU A 791 8.15 1.42 -10.01
CA LEU A 791 8.29 0.39 -8.97
C LEU A 791 7.00 0.01 -8.19
N ARG A 792 5.86 0.65 -8.52
CA ARG A 792 4.57 0.44 -7.85
C ARG A 792 4.08 -0.99 -7.90
N GLN A 793 4.25 -1.69 -9.04
CA GLN A 793 3.80 -3.11 -9.13
C GLN A 793 4.67 -4.04 -8.27
N ASP A 794 6.00 -3.83 -8.25
CA ASP A 794 6.94 -4.61 -7.42
C ASP A 794 6.55 -4.46 -5.99
N MET A 795 6.36 -3.21 -5.52
CA MET A 795 5.96 -2.93 -4.14
C MET A 795 4.67 -3.65 -3.79
N LEU A 796 3.68 -3.57 -4.67
CA LEU A 796 2.39 -4.24 -4.41
C LEU A 796 2.58 -5.73 -4.31
N THR A 797 3.35 -6.32 -5.25
CA THR A 797 3.62 -7.75 -5.23
C THR A 797 4.30 -8.14 -3.93
N LEU A 798 5.35 -7.43 -3.55
CA LEU A 798 6.07 -7.74 -2.30
C LEU A 798 5.23 -7.57 -1.06
N GLN A 799 4.33 -6.57 -1.04
CA GLN A 799 3.45 -6.39 0.12
C GLN A 799 2.45 -7.55 0.18
N MET A 800 2.01 -8.07 -0.98
CA MET A 800 1.07 -9.22 -1.02
C MET A 800 1.76 -10.48 -0.52
N ILE A 801 3.05 -10.64 -0.83
CA ILE A 801 3.86 -11.77 -0.39
C ILE A 801 4.07 -11.67 1.11
N GLN A 802 4.33 -10.45 1.60
CA GLN A 802 4.50 -10.21 3.06
C GLN A 802 3.20 -10.53 3.81
N LEU A 803 2.06 -10.17 3.20
CA LEU A 803 0.74 -10.48 3.78
C LEU A 803 0.56 -11.97 3.88
N MET A 804 0.92 -12.72 2.81
CA MET A 804 0.85 -14.20 2.79
C MET A 804 1.67 -14.74 3.96
N ASP A 805 2.94 -14.25 4.11
CA ASP A 805 3.83 -14.62 5.21
C ASP A 805 3.16 -14.43 6.60
N VAL A 806 2.49 -13.26 6.81
CA VAL A 806 1.77 -12.95 8.08
C VAL A 806 0.64 -13.97 8.28
N LEU A 807 -0.14 -14.23 7.23
CA LEU A 807 -1.27 -15.17 7.31
C LEU A 807 -0.82 -16.58 7.61
N TRP A 808 0.29 -17.00 7.02
CA TRP A 808 0.84 -18.33 7.26
C TRP A 808 1.38 -18.41 8.70
N LYS A 809 2.15 -17.39 9.12
CA LYS A 809 2.72 -17.35 10.49
C LYS A 809 1.63 -17.35 11.58
N GLN A 810 0.46 -16.75 11.29
CA GLN A 810 -0.69 -16.77 12.21
C GLN A 810 -1.24 -18.18 12.40
N GLU A 811 -1.00 -19.11 11.42
CA GLU A 811 -1.41 -20.52 11.55
C GLU A 811 -0.23 -21.41 11.95
N GLY A 812 0.81 -20.79 12.47
CA GLY A 812 2.01 -21.48 12.91
C GLY A 812 2.91 -21.98 11.80
N LEU A 813 2.73 -21.49 10.55
CA LEU A 813 3.50 -21.87 9.37
C LEU A 813 4.52 -20.80 8.97
N ASP A 814 5.82 -21.06 9.22
CA ASP A 814 6.89 -20.12 8.84
C ASP A 814 7.61 -20.69 7.59
N LEU A 815 7.29 -20.15 6.39
CA LEU A 815 7.90 -20.61 5.14
C LEU A 815 9.18 -19.86 4.81
N ARG A 816 9.78 -19.18 5.80
CA ARG A 816 11.09 -18.52 5.69
C ARG A 816 11.18 -17.63 4.47
N MET A 817 10.21 -16.72 4.33
CA MET A 817 10.13 -15.84 3.16
C MET A 817 11.08 -14.67 3.31
N THR A 818 11.37 -13.93 2.19
CA THR A 818 12.24 -12.75 2.21
C THR A 818 11.44 -11.61 1.56
N PRO A 819 10.49 -10.99 2.27
CA PRO A 819 9.74 -9.88 1.66
C PRO A 819 10.58 -8.60 1.87
N TYR A 820 11.56 -8.40 1.03
CA TYR A 820 12.50 -7.27 1.14
C TYR A 820 11.75 -5.96 0.76
N GLY A 821 12.22 -4.83 1.28
CA GLY A 821 11.65 -3.52 1.01
C GLY A 821 11.77 -3.08 -0.45
N CYS A 822 10.72 -2.40 -0.94
CA CYS A 822 10.67 -1.81 -2.26
C CYS A 822 9.74 -0.63 -2.18
N LEU A 823 10.29 0.54 -2.43
CA LEU A 823 9.50 1.76 -2.24
C LEU A 823 9.66 2.80 -3.33
N PRO A 824 8.59 3.11 -4.10
CA PRO A 824 8.67 4.23 -5.04
C PRO A 824 8.81 5.50 -4.18
N THR A 825 9.69 6.41 -4.59
CA THR A 825 9.92 7.67 -3.87
C THR A 825 9.64 8.89 -4.81
N GLY A 826 9.53 8.64 -6.11
CA GLY A 826 9.36 9.72 -7.09
C GLY A 826 8.97 9.20 -8.44
N ASP A 827 9.06 10.06 -9.48
CA ASP A 827 8.67 9.70 -10.85
C ASP A 827 9.62 8.63 -11.37
N ARG A 828 9.11 7.40 -11.58
CA ARG A 828 9.88 6.23 -12.04
C ARG A 828 11.16 6.10 -11.24
N THR A 829 11.08 6.34 -9.92
CA THR A 829 12.24 6.34 -9.00
C THR A 829 11.87 5.65 -7.70
N GLY A 830 12.83 4.96 -7.10
CA GLY A 830 12.58 4.29 -5.83
C GLY A 830 13.77 3.53 -5.31
N LEU A 831 13.57 2.88 -4.17
CA LEU A 831 14.62 2.15 -3.49
C LEU A 831 14.20 0.76 -3.29
N ILE A 832 15.16 -0.16 -3.32
CA ILE A 832 14.96 -1.59 -3.12
C ILE A 832 15.98 -2.02 -2.06
N GLU A 833 15.57 -2.88 -1.13
CA GLU A 833 16.46 -3.34 -0.06
C GLU A 833 17.50 -4.35 -0.57
N VAL A 834 18.74 -4.18 -0.11
CA VAL A 834 19.85 -5.11 -0.37
C VAL A 834 19.68 -6.28 0.65
N VAL A 835 19.68 -7.52 0.13
CA VAL A 835 19.68 -8.74 0.92
C VAL A 835 21.15 -9.23 0.80
N LEU A 836 21.94 -9.05 1.88
CA LEU A 836 23.36 -9.44 1.85
C LEU A 836 23.44 -10.95 1.93
N HIS A 837 24.60 -11.52 1.60
CA HIS A 837 24.86 -12.97 1.63
C HIS A 837 23.83 -13.72 0.74
N SER A 838 23.57 -13.16 -0.45
CA SER A 838 22.63 -13.75 -1.40
C SER A 838 23.14 -13.55 -2.79
N ASP A 839 22.77 -14.48 -3.69
CA ASP A 839 23.16 -14.38 -5.10
C ASP A 839 22.06 -14.99 -5.97
N THR A 840 22.04 -14.66 -7.25
CA THR A 840 21.02 -15.25 -8.11
C THR A 840 21.36 -16.70 -8.43
N ILE A 841 20.31 -17.52 -8.74
CA ILE A 841 20.48 -18.90 -9.18
C ILE A 841 21.40 -18.88 -10.41
N ALA A 842 21.15 -17.97 -11.39
CA ALA A 842 21.98 -17.84 -12.62
C ALA A 842 23.47 -17.69 -12.29
N ASN A 843 23.84 -16.78 -11.34
CA ASN A 843 25.25 -16.61 -10.96
C ASN A 843 25.83 -17.86 -10.32
N ILE A 844 25.08 -18.54 -9.48
CA ILE A 844 25.57 -19.80 -8.89
C ILE A 844 25.72 -20.89 -9.95
N GLN A 845 24.77 -20.98 -10.90
CA GLN A 845 24.85 -22.01 -11.95
C GLN A 845 25.90 -21.72 -13.02
N LEU A 846 26.52 -20.51 -13.04
CA LEU A 846 27.61 -20.23 -13.98
C LEU A 846 28.69 -21.28 -13.78
N ASN A 847 28.74 -21.88 -12.56
CA ASN A 847 29.64 -23.01 -12.22
C ASN A 847 31.08 -22.67 -12.57
N LYS A 848 31.55 -21.52 -12.05
CA LYS A 848 32.91 -21.03 -12.27
C LYS A 848 33.93 -21.99 -11.69
N SER A 849 35.10 -22.10 -12.32
CA SER A 849 36.17 -22.97 -11.84
C SER A 849 36.93 -22.30 -10.68
N ASN A 850 37.69 -23.10 -9.89
CA ASN A 850 38.48 -22.66 -8.74
C ASN A 850 37.58 -21.94 -7.71
N MET A 851 36.44 -22.57 -7.41
CA MET A 851 35.43 -22.10 -6.47
C MET A 851 35.07 -23.27 -5.56
N ALA A 852 34.62 -23.00 -4.32
CA ALA A 852 34.22 -24.06 -3.40
C ALA A 852 32.97 -24.85 -3.87
N ALA A 853 32.20 -24.31 -4.84
CA ALA A 853 30.98 -24.91 -5.38
C ALA A 853 31.15 -25.62 -6.77
N THR A 854 32.33 -25.50 -7.44
CA THR A 854 32.55 -26.09 -8.78
C THR A 854 32.07 -27.56 -8.83
N ALA A 855 31.14 -27.84 -9.76
CA ALA A 855 30.45 -29.12 -9.86
C ALA A 855 30.83 -29.99 -11.04
N ALA A 856 30.67 -31.32 -10.84
CA ALA A 856 30.89 -32.39 -11.81
C ALA A 856 29.74 -32.38 -12.82
N PHE A 857 28.52 -32.04 -12.35
CA PHE A 857 27.28 -31.89 -13.13
C PHE A 857 26.63 -30.56 -12.70
N ASN A 858 26.13 -29.76 -13.67
CA ASN A 858 25.52 -28.46 -13.37
C ASN A 858 24.35 -28.60 -12.34
N LYS A 859 23.66 -29.77 -12.30
CA LYS A 859 22.59 -30.03 -11.34
C LYS A 859 23.10 -30.04 -9.89
N ASP A 860 24.43 -30.30 -9.67
CA ASP A 860 25.04 -30.31 -8.33
C ASP A 860 25.41 -28.89 -7.85
N ALA A 861 25.49 -27.89 -8.78
CA ALA A 861 25.93 -26.51 -8.47
C ALA A 861 25.23 -25.83 -7.25
N LEU A 862 23.88 -25.76 -7.22
CA LEU A 862 23.17 -25.12 -6.09
C LEU A 862 23.47 -25.81 -4.74
N LEU A 863 23.44 -27.14 -4.74
CA LEU A 863 23.67 -27.95 -3.54
C LEU A 863 25.13 -27.83 -3.06
N ASN A 864 26.10 -27.75 -3.99
CA ASN A 864 27.52 -27.57 -3.62
C ASN A 864 27.72 -26.20 -3.02
N TRP A 865 27.03 -25.18 -3.57
CA TRP A 865 27.14 -23.83 -3.10
C TRP A 865 26.59 -23.76 -1.67
N LEU A 866 25.42 -24.37 -1.40
CA LEU A 866 24.80 -24.50 -0.09
C LEU A 866 25.71 -25.25 0.90
N LYS A 867 26.38 -26.32 0.42
CA LYS A 867 27.33 -27.14 1.20
C LYS A 867 28.50 -26.26 1.67
N SER A 868 29.05 -25.44 0.75
CA SER A 868 30.15 -24.53 1.08
C SER A 868 29.79 -23.45 2.11
N LYS A 869 28.53 -22.97 2.13
CA LYS A 869 28.14 -21.93 3.07
C LYS A 869 27.69 -22.55 4.38
N ASN A 870 27.37 -23.86 4.39
CA ASN A 870 26.83 -24.53 5.58
C ASN A 870 27.55 -25.85 5.84
N PRO A 871 28.78 -25.81 6.43
CA PRO A 871 29.52 -27.07 6.68
C PRO A 871 28.91 -27.94 7.76
N GLY A 872 29.18 -29.24 7.70
CA GLY A 872 28.72 -30.25 8.66
C GLY A 872 27.22 -30.37 8.83
N GLU A 873 26.74 -30.23 10.08
CA GLU A 873 25.33 -30.34 10.43
C GLU A 873 24.47 -29.19 9.92
N ALA A 874 25.09 -28.05 9.55
CA ALA A 874 24.38 -26.88 9.03
C ALA A 874 23.66 -27.12 7.70
N LEU A 875 24.18 -28.05 6.85
CA LEU A 875 23.57 -28.38 5.56
C LEU A 875 22.11 -28.78 5.65
N ASP A 876 21.78 -29.66 6.62
CA ASP A 876 20.39 -30.11 6.81
C ASP A 876 19.45 -28.95 7.05
N ARG A 877 19.85 -27.96 7.85
CA ARG A 877 19.03 -26.79 8.12
C ARG A 877 18.88 -25.94 6.85
N ALA A 878 19.97 -25.82 6.07
CA ALA A 878 19.94 -25.01 4.84
C ALA A 878 19.01 -25.64 3.79
N ILE A 879 19.01 -26.97 3.69
CA ILE A 879 18.09 -27.68 2.81
C ILE A 879 16.64 -27.49 3.27
N GLU A 880 16.40 -27.51 4.58
CA GLU A 880 15.06 -27.26 5.13
C GLU A 880 14.57 -25.83 4.84
N GLU A 881 15.44 -24.79 5.03
CA GLU A 881 15.11 -23.38 4.71
C GLU A 881 14.79 -23.27 3.22
N PHE A 882 15.59 -23.90 2.35
CA PHE A 882 15.34 -23.93 0.91
C PHE A 882 13.95 -24.47 0.57
N THR A 883 13.60 -25.61 1.15
CA THR A 883 12.33 -26.34 0.91
C THR A 883 11.11 -25.51 1.29
N LEU A 884 11.17 -24.90 2.48
CA LEU A 884 10.09 -24.10 3.04
C LEU A 884 9.83 -22.88 2.17
N SER A 885 10.92 -22.12 1.85
CA SER A 885 10.85 -20.89 1.06
C SER A 885 10.43 -21.19 -0.37
N CYS A 886 10.96 -22.28 -0.95
CA CYS A 886 10.53 -22.73 -2.26
C CYS A 886 9.03 -23.04 -2.27
N ALA A 887 8.50 -23.68 -1.23
CA ALA A 887 7.04 -23.94 -1.16
C ALA A 887 6.26 -22.61 -1.13
N GLY A 888 6.73 -21.64 -0.31
CA GLY A 888 6.08 -20.35 -0.18
C GLY A 888 6.02 -19.58 -1.48
N TYR A 889 7.14 -19.52 -2.23
CA TYR A 889 7.24 -18.79 -3.51
C TYR A 889 6.56 -19.53 -4.65
N CYS A 890 6.55 -20.85 -4.60
CA CYS A 890 5.81 -21.62 -5.60
C CYS A 890 4.30 -21.26 -5.48
N VAL A 891 3.78 -21.22 -4.25
CA VAL A 891 2.37 -20.90 -3.99
C VAL A 891 2.11 -19.41 -4.30
N ALA A 892 3.01 -18.52 -3.85
CA ALA A 892 2.87 -17.07 -4.04
C ALA A 892 2.89 -16.71 -5.53
N THR A 893 3.84 -17.22 -6.30
CA THR A 893 3.86 -16.90 -7.74
C THR A 893 2.66 -17.50 -8.49
N TYR A 894 2.17 -18.67 -8.09
CA TYR A 894 0.97 -19.28 -8.67
C TYR A 894 -0.30 -18.45 -8.36
N VAL A 895 -0.53 -18.09 -7.08
CA VAL A 895 -1.71 -17.31 -6.71
C VAL A 895 -1.71 -15.93 -7.41
N LEU A 896 -0.54 -15.26 -7.42
CA LEU A 896 -0.42 -13.92 -8.01
C LEU A 896 -0.21 -13.91 -9.49
N GLY A 897 -0.05 -15.09 -10.10
CA GLY A 897 0.18 -15.24 -11.55
C GLY A 897 1.49 -14.59 -11.98
N ILE A 898 2.54 -14.79 -11.19
CA ILE A 898 3.85 -14.21 -11.49
C ILE A 898 4.56 -15.11 -12.49
N GLY A 899 4.67 -14.61 -13.70
CA GLY A 899 5.33 -15.29 -14.81
C GLY A 899 6.69 -14.67 -15.09
N ASP A 900 7.31 -15.06 -16.24
CA ASP A 900 8.63 -14.58 -16.64
C ASP A 900 9.65 -14.91 -15.52
N ARG A 901 9.58 -16.13 -14.95
CA ARG A 901 10.47 -16.56 -13.87
C ARG A 901 11.65 -17.35 -14.42
N HIS A 902 12.86 -16.87 -14.17
CA HIS A 902 14.07 -17.55 -14.63
C HIS A 902 15.18 -17.47 -13.61
N SER A 903 16.31 -18.12 -13.91
CA SER A 903 17.46 -18.19 -13.02
C SER A 903 18.03 -16.82 -12.65
N ASP A 904 17.83 -15.76 -13.47
CA ASP A 904 18.37 -14.44 -13.09
C ASP A 904 17.40 -13.60 -12.22
N ASN A 905 16.16 -14.06 -11.99
CA ASN A 905 15.28 -13.29 -11.11
C ASN A 905 14.83 -14.12 -9.90
N ILE A 906 15.61 -15.18 -9.59
CA ILE A 906 15.42 -16.06 -8.42
C ILE A 906 16.75 -16.01 -7.70
N MET A 907 16.69 -15.76 -6.39
CA MET A 907 17.88 -15.64 -5.57
C MET A 907 17.89 -16.65 -4.44
N ILE A 908 19.07 -16.90 -3.89
CA ILE A 908 19.22 -17.77 -2.76
C ILE A 908 20.18 -17.14 -1.75
N ARG A 909 19.79 -17.21 -0.50
CA ARG A 909 20.55 -16.73 0.64
C ARG A 909 21.48 -17.83 1.12
N GLU A 910 22.58 -17.46 1.79
CA GLU A 910 23.56 -18.41 2.35
C GLU A 910 22.94 -19.37 3.36
N SER A 911 21.83 -18.93 3.99
CA SER A 911 21.00 -19.71 4.93
C SER A 911 20.21 -20.84 4.22
N GLY A 912 20.08 -20.77 2.89
CA GLY A 912 19.34 -21.73 2.09
C GLY A 912 18.03 -21.16 1.56
N GLN A 913 17.56 -20.04 2.11
CA GLN A 913 16.33 -19.40 1.70
C GLN A 913 16.32 -18.96 0.25
N LEU A 914 15.29 -19.39 -0.48
CA LEU A 914 15.07 -18.96 -1.86
C LEU A 914 14.13 -17.76 -1.85
N PHE A 915 14.33 -16.79 -2.76
CA PHE A 915 13.35 -15.70 -2.88
C PHE A 915 13.36 -15.15 -4.30
N HIS A 916 12.27 -14.51 -4.67
CA HIS A 916 12.16 -13.91 -6.01
C HIS A 916 12.40 -12.42 -6.02
N ILE A 917 12.87 -11.93 -7.16
CA ILE A 917 13.10 -10.53 -7.36
C ILE A 917 12.48 -10.06 -8.66
N ASP A 918 12.34 -8.73 -8.79
CA ASP A 918 11.97 -8.05 -10.03
C ASP A 918 10.68 -8.57 -10.60
N PHE A 919 9.57 -8.19 -9.98
CA PHE A 919 8.20 -8.61 -10.30
C PHE A 919 7.53 -7.77 -11.41
N GLY A 920 8.03 -7.92 -12.61
CA GLY A 920 7.55 -7.17 -13.77
C GLY A 920 6.12 -7.48 -14.19
N HIS A 921 5.71 -8.76 -14.11
CA HIS A 921 4.39 -9.17 -14.57
C HIS A 921 3.61 -10.03 -13.56
N PHE A 922 2.32 -9.70 -13.35
CA PHE A 922 1.45 -10.48 -12.47
C PHE A 922 0.05 -10.63 -13.03
N LEU A 923 -0.78 -11.45 -12.38
CA LEU A 923 -2.18 -11.71 -12.75
C LEU A 923 -2.29 -12.24 -14.20
N GLY A 924 -1.26 -12.99 -14.60
CA GLY A 924 -1.13 -13.64 -15.90
C GLY A 924 -1.14 -12.72 -17.11
N ASN A 925 -0.78 -11.44 -16.92
CA ASN A 925 -0.72 -10.42 -17.97
C ASN A 925 0.73 -10.23 -18.37
N ARG A 934 -2.46 -11.92 -22.10
CA ARG A 934 -3.22 -12.45 -20.97
C ARG A 934 -3.40 -13.98 -21.08
N GLU A 935 -2.66 -14.73 -20.24
CA GLU A 935 -2.68 -16.19 -20.20
C GLU A 935 -2.54 -16.73 -18.79
N ARG A 936 -3.26 -17.82 -18.47
CA ARG A 936 -3.23 -18.46 -17.16
C ARG A 936 -1.83 -19.06 -16.86
N VAL A 937 -1.10 -18.42 -15.93
CA VAL A 937 0.24 -18.85 -15.49
C VAL A 937 0.08 -20.21 -14.74
N PRO A 938 0.75 -21.28 -15.20
CA PRO A 938 0.58 -22.56 -14.51
C PRO A 938 1.46 -22.61 -13.25
N PHE A 939 1.22 -23.61 -12.40
CA PHE A 939 2.07 -23.81 -11.23
C PHE A 939 3.45 -24.23 -11.79
N ILE A 940 4.54 -23.68 -11.24
CA ILE A 940 5.87 -24.01 -11.75
C ILE A 940 6.68 -24.78 -10.72
N LEU A 941 7.19 -25.95 -11.15
CA LEU A 941 8.11 -26.80 -10.42
C LEU A 941 9.33 -26.94 -11.34
N THR A 942 10.48 -26.36 -10.94
CA THR A 942 11.72 -26.44 -11.71
C THR A 942 12.56 -27.57 -11.14
N TYR A 943 13.13 -28.45 -12.00
CA TYR A 943 13.92 -29.61 -11.62
C TYR A 943 15.10 -29.29 -10.72
N ASP A 944 15.82 -28.19 -11.00
CA ASP A 944 16.99 -27.76 -10.23
C ASP A 944 16.65 -27.60 -8.72
N PHE A 945 15.44 -27.12 -8.43
CA PHE A 945 14.98 -26.90 -7.06
C PHE A 945 14.48 -28.22 -6.46
N VAL A 946 13.88 -29.12 -7.31
CA VAL A 946 13.42 -30.45 -6.91
C VAL A 946 14.65 -31.26 -6.48
N HIS A 947 15.78 -31.03 -7.16
CA HIS A 947 17.07 -31.67 -6.88
C HIS A 947 17.63 -31.32 -5.48
N VAL A 948 17.61 -30.03 -5.06
CA VAL A 948 18.01 -29.61 -3.71
C VAL A 948 17.01 -30.19 -2.64
N ILE A 949 15.69 -30.05 -2.87
CA ILE A 949 14.62 -30.54 -1.95
C ILE A 949 14.84 -32.02 -1.66
N GLN A 950 15.14 -32.81 -2.72
CA GLN A 950 15.41 -34.25 -2.61
C GLN A 950 16.81 -34.60 -2.09
N GLN A 951 17.59 -33.59 -1.62
CA GLN A 951 18.94 -33.72 -1.02
C GLN A 951 19.98 -34.27 -2.03
N GLY A 952 19.76 -34.00 -3.31
CA GLY A 952 20.65 -34.42 -4.40
C GLY A 952 20.45 -35.84 -4.83
N LYS A 953 19.39 -36.50 -4.32
CA LYS A 953 19.07 -37.89 -4.65
C LYS A 953 18.02 -37.87 -5.75
N THR A 954 18.10 -38.84 -6.68
CA THR A 954 17.20 -39.01 -7.83
C THR A 954 15.78 -39.30 -7.34
N ASN A 955 15.67 -40.16 -6.32
CA ASN A 955 14.39 -40.51 -5.72
C ASN A 955 14.46 -40.27 -4.21
N ASN A 956 13.59 -39.36 -3.75
CA ASN A 956 13.48 -39.03 -2.33
C ASN A 956 12.03 -38.57 -2.13
N SER A 957 11.09 -39.52 -2.19
CA SER A 957 9.67 -39.25 -2.08
C SER A 957 9.32 -38.71 -0.70
N GLU A 958 10.07 -39.11 0.34
CA GLU A 958 9.91 -38.65 1.72
C GLU A 958 10.09 -37.13 1.77
N LYS A 959 11.16 -36.61 1.16
CA LYS A 959 11.45 -35.16 1.14
C LYS A 959 10.58 -34.42 0.12
N PHE A 960 10.36 -34.99 -1.07
CA PHE A 960 9.53 -34.31 -2.07
C PHE A 960 8.06 -34.16 -1.61
N GLU A 961 7.51 -35.20 -0.96
CA GLU A 961 6.11 -35.13 -0.54
C GLU A 961 5.90 -34.26 0.70
N ARG A 962 6.97 -34.03 1.50
CA ARG A 962 6.90 -33.10 2.65
C ARG A 962 6.80 -31.71 2.07
N PHE A 963 7.46 -31.48 0.93
CA PHE A 963 7.45 -30.20 0.20
C PHE A 963 6.07 -29.95 -0.41
N ARG A 964 5.42 -31.01 -0.94
CA ARG A 964 4.08 -30.92 -1.52
C ARG A 964 3.07 -30.54 -0.42
N GLY A 965 3.23 -31.14 0.76
CA GLY A 965 2.42 -30.88 1.95
C GLY A 965 2.55 -29.42 2.37
N TYR A 966 3.79 -28.85 2.34
CA TYR A 966 3.96 -27.41 2.66
C TYR A 966 3.22 -26.56 1.64
N CYS A 967 3.27 -26.92 0.33
CA CYS A 967 2.55 -26.19 -0.73
C CYS A 967 1.05 -26.19 -0.50
N GLU A 968 0.47 -27.38 -0.23
CA GLU A 968 -0.97 -27.54 0.01
C GLU A 968 -1.44 -26.75 1.24
N ARG A 969 -0.71 -26.86 2.36
CA ARG A 969 -1.02 -26.14 3.58
C ARG A 969 -1.04 -24.62 3.32
N ALA A 970 0.04 -24.08 2.64
CA ALA A 970 0.17 -22.68 2.28
C ALA A 970 -0.97 -22.21 1.42
N TYR A 971 -1.37 -23.03 0.43
CA TYR A 971 -2.46 -22.67 -0.48
C TYR A 971 -3.83 -22.61 0.25
N THR A 972 -4.12 -23.62 1.10
CA THR A 972 -5.40 -23.71 1.82
C THR A 972 -5.51 -22.60 2.86
N ILE A 973 -4.36 -22.14 3.43
CA ILE A 973 -4.38 -20.99 4.33
C ILE A 973 -4.77 -19.73 3.53
N LEU A 974 -4.10 -19.47 2.41
CA LEU A 974 -4.42 -18.30 1.59
C LEU A 974 -5.89 -18.25 1.16
N ARG A 975 -6.43 -19.40 0.67
CA ARG A 975 -7.81 -19.57 0.22
C ARG A 975 -8.81 -19.04 1.25
N ARG A 976 -8.58 -19.36 2.54
CA ARG A 976 -9.42 -18.96 3.68
C ARG A 976 -9.48 -17.44 3.87
N HIS A 977 -8.43 -16.73 3.39
CA HIS A 977 -8.34 -15.28 3.44
C HIS A 977 -8.54 -14.73 2.04
N GLY A 978 -9.18 -15.52 1.17
CA GLY A 978 -9.40 -15.17 -0.23
C GLY A 978 -10.08 -13.84 -0.43
N LEU A 979 -11.12 -13.57 0.40
CA LEU A 979 -11.87 -12.33 0.38
C LEU A 979 -10.99 -11.13 0.70
N LEU A 980 -10.06 -11.26 1.68
CA LEU A 980 -9.11 -10.19 2.03
C LEU A 980 -8.28 -9.77 0.81
N PHE A 981 -7.70 -10.75 0.10
CA PHE A 981 -6.92 -10.49 -1.11
C PHE A 981 -7.80 -9.87 -2.18
N LEU A 982 -9.03 -10.38 -2.37
CA LEU A 982 -9.98 -9.78 -3.34
C LEU A 982 -10.34 -8.33 -3.01
N HIS A 983 -10.67 -8.02 -1.72
CA HIS A 983 -11.00 -6.63 -1.32
C HIS A 983 -9.81 -5.67 -1.51
N LEU A 984 -8.59 -6.13 -1.20
CA LEU A 984 -7.39 -5.30 -1.33
C LEU A 984 -7.01 -5.05 -2.74
N PHE A 985 -7.09 -6.08 -3.60
CA PHE A 985 -6.77 -5.90 -5.03
C PHE A 985 -7.80 -4.99 -5.69
N ALA A 986 -9.07 -5.06 -5.23
CA ALA A 986 -10.16 -4.23 -5.78
C ALA A 986 -9.87 -2.74 -5.47
N LEU A 987 -9.40 -2.45 -4.25
CA LEU A 987 -9.02 -1.08 -3.87
C LEU A 987 -7.84 -0.60 -4.72
N MET A 988 -6.95 -1.54 -5.12
CA MET A 988 -5.76 -1.24 -5.91
C MET A 988 -6.04 -0.85 -7.35
N ARG A 989 -7.26 -1.12 -7.88
CA ARG A 989 -7.67 -0.72 -9.23
C ARG A 989 -7.55 0.80 -9.37
N ALA A 990 -7.69 1.53 -8.23
CA ALA A 990 -7.53 2.99 -8.13
C ALA A 990 -6.08 3.43 -8.44
N ALA A 991 -5.08 2.55 -8.21
CA ALA A 991 -3.66 2.89 -8.46
C ALA A 991 -3.39 3.28 -9.91
N GLY A 992 -4.13 2.67 -10.84
CA GLY A 992 -3.98 2.90 -12.26
C GLY A 992 -2.84 2.10 -12.84
N LEU A 993 -2.61 0.86 -12.33
CA LEU A 993 -1.56 -0.05 -12.82
C LEU A 993 -2.10 -0.74 -14.10
N PRO A 994 -1.41 -0.67 -15.25
CA PRO A 994 -1.98 -1.30 -16.48
C PRO A 994 -2.34 -2.78 -16.35
N GLU A 995 -1.58 -3.56 -15.52
CA GLU A 995 -1.85 -4.99 -15.23
C GLU A 995 -2.95 -5.19 -14.17
N LEU A 996 -3.49 -4.08 -13.62
CA LEU A 996 -4.61 -4.14 -12.67
C LEU A 996 -5.60 -2.99 -13.00
N SER A 997 -6.40 -3.14 -14.06
CA SER A 997 -7.29 -2.06 -14.50
C SER A 997 -8.72 -2.47 -14.87
N CYS A 998 -9.14 -3.74 -14.60
CA CYS A 998 -10.48 -4.25 -14.90
C CYS A 998 -10.87 -5.45 -14.05
N SER A 999 -12.13 -5.94 -14.24
CA SER A 999 -12.72 -7.09 -13.54
C SER A 999 -12.00 -8.38 -13.91
N LYS A 1000 -11.44 -8.45 -15.14
CA LYS A 1000 -10.69 -9.60 -15.66
C LYS A 1000 -9.45 -9.93 -14.81
N ASP A 1001 -8.78 -8.89 -14.28
CA ASP A 1001 -7.58 -9.05 -13.44
C ASP A 1001 -7.93 -9.63 -12.09
N ILE A 1002 -9.05 -9.18 -11.50
CA ILE A 1002 -9.56 -9.66 -10.21
C ILE A 1002 -10.05 -11.11 -10.37
N GLN A 1003 -10.62 -11.44 -11.56
CA GLN A 1003 -11.11 -12.76 -11.92
C GLN A 1003 -9.98 -13.80 -11.85
N TYR A 1004 -8.78 -13.39 -12.25
CA TYR A 1004 -7.57 -14.23 -12.24
C TYR A 1004 -7.30 -14.74 -10.82
N LEU A 1005 -7.39 -13.84 -9.83
CA LEU A 1005 -7.20 -14.15 -8.42
C LEU A 1005 -8.31 -15.05 -7.93
N LYS A 1006 -9.55 -14.84 -8.45
CA LYS A 1006 -10.70 -15.66 -8.09
C LYS A 1006 -10.46 -17.07 -8.58
N ASP A 1007 -9.83 -17.26 -9.75
CA ASP A 1007 -9.55 -18.58 -10.30
C ASP A 1007 -8.40 -19.25 -9.61
N SER A 1008 -7.27 -18.50 -9.38
CA SER A 1008 -6.07 -19.02 -8.72
C SER A 1008 -6.37 -19.55 -7.31
N LEU A 1009 -7.25 -18.86 -6.54
CA LEU A 1009 -7.64 -19.34 -5.22
C LEU A 1009 -8.87 -20.25 -5.31
N ALA A 1010 -9.47 -20.40 -6.51
CA ALA A 1010 -10.66 -21.23 -6.79
C ALA A 1010 -11.74 -21.02 -5.71
N LEU A 1011 -12.08 -19.75 -5.44
CA LEU A 1011 -13.01 -19.36 -4.38
C LEU A 1011 -14.48 -19.79 -4.60
N GLY A 1012 -14.84 -20.13 -5.84
CA GLY A 1012 -16.18 -20.61 -6.15
C GLY A 1012 -16.32 -22.12 -6.00
N LYS A 1013 -15.61 -22.71 -5.00
CA LYS A 1013 -15.55 -24.14 -4.71
C LYS A 1013 -15.40 -24.46 -3.22
N THR A 1014 -15.66 -25.72 -2.85
CA THR A 1014 -15.44 -26.21 -1.50
C THR A 1014 -13.91 -26.40 -1.34
N GLU A 1015 -13.41 -26.51 -0.08
CA GLU A 1015 -11.99 -26.71 0.16
C GLU A 1015 -11.51 -28.03 -0.47
N GLU A 1016 -12.38 -29.04 -0.50
CA GLU A 1016 -12.04 -30.33 -1.11
C GLU A 1016 -11.93 -30.21 -2.63
N GLU A 1017 -12.83 -29.43 -3.27
CA GLU A 1017 -12.82 -29.23 -4.72
C GLU A 1017 -11.63 -28.38 -5.12
N ALA A 1018 -11.28 -27.37 -4.31
CA ALA A 1018 -10.14 -26.48 -4.56
C ALA A 1018 -8.82 -27.20 -4.39
N LEU A 1019 -8.72 -28.07 -3.36
CA LEU A 1019 -7.51 -28.85 -3.10
C LEU A 1019 -7.27 -29.89 -4.19
N LYS A 1020 -8.34 -30.57 -4.66
CA LYS A 1020 -8.28 -31.56 -5.75
C LYS A 1020 -7.74 -30.88 -7.00
N HIS A 1021 -8.28 -29.68 -7.31
CA HIS A 1021 -7.91 -28.86 -8.44
C HIS A 1021 -6.45 -28.38 -8.27
N PHE A 1022 -6.03 -28.03 -7.04
CA PHE A 1022 -4.65 -27.58 -6.80
C PHE A 1022 -3.65 -28.73 -7.07
N ARG A 1023 -4.01 -29.95 -6.62
CA ARG A 1023 -3.23 -31.18 -6.80
C ARG A 1023 -3.07 -31.53 -8.29
N VAL A 1024 -4.12 -31.25 -9.11
CA VAL A 1024 -4.10 -31.46 -10.57
C VAL A 1024 -3.03 -30.53 -11.17
N LYS A 1025 -3.05 -29.25 -10.75
CA LYS A 1025 -2.10 -28.22 -11.20
C LYS A 1025 -0.68 -28.51 -10.74
N PHE A 1026 -0.52 -28.98 -9.49
CA PHE A 1026 0.78 -29.34 -8.92
C PHE A 1026 1.33 -30.56 -9.66
N ASN A 1027 0.49 -31.58 -9.92
CA ASN A 1027 0.88 -32.78 -10.67
C ASN A 1027 1.19 -32.43 -12.13
N GLU A 1028 0.45 -31.46 -12.73
CA GLU A 1028 0.69 -30.97 -14.09
C GLU A 1028 2.06 -30.29 -14.20
N ALA A 1029 2.49 -29.61 -13.12
CA ALA A 1029 3.77 -28.93 -12.98
C ALA A 1029 4.94 -29.91 -12.78
N LEU A 1030 4.70 -31.07 -12.10
CA LEU A 1030 5.74 -32.09 -11.88
C LEU A 1030 6.04 -32.88 -13.17
N ARG A 1031 5.01 -33.08 -14.02
CA ARG A 1031 5.15 -33.78 -15.30
C ARG A 1031 5.99 -32.91 -16.24
N GLU A 1032 5.73 -31.58 -16.21
CA GLU A 1032 6.46 -30.56 -16.95
C GLU A 1032 7.93 -30.48 -16.47
N SER A 1033 8.16 -30.66 -15.15
CA SER A 1033 9.47 -30.71 -14.49
C SER A 1033 10.22 -31.99 -14.92
N TRP A 1034 9.50 -33.12 -15.07
CA TRP A 1034 10.04 -34.42 -15.46
C TRP A 1034 10.59 -34.47 -16.89
N LYS A 1035 10.20 -33.50 -17.75
CA LYS A 1035 10.72 -33.38 -19.12
C LYS A 1035 12.19 -32.90 -19.08
N THR A 1036 12.66 -32.50 -17.87
CA THR A 1036 14.04 -32.10 -17.58
C THR A 1036 14.74 -33.21 -16.78
N LYS A 1037 14.01 -33.91 -15.87
CA LYS A 1037 14.53 -35.02 -15.05
C LYS A 1037 14.97 -36.23 -15.92
N VAL A 1038 14.22 -36.50 -17.03
CA VAL A 1038 14.50 -37.57 -18.01
C VAL A 1038 15.83 -37.26 -18.76
N ASN A 1039 16.22 -35.98 -18.84
CA ASN A 1039 17.47 -35.56 -19.49
C ASN A 1039 18.65 -35.70 -18.51
#